data_6LWH
#
_entry.id   6LWH
#
_cell.length_a   73.593
_cell.length_b   109.014
_cell.length_c   168.053
_cell.angle_alpha   90.000
_cell.angle_beta   90.000
_cell.angle_gamma   90.000
#
_symmetry.space_group_name_H-M   'P 21 21 21'
#
loop_
_entity.id
_entity.type
_entity.pdbx_description
1 polymer 'Endonuclease 8-like 1'
2 polymer "DNA (5'-D(*CP*GP*TP*CP*CP*AP*(TDH)P*GP*TP*CP*TP*AP*C)-3')"
3 polymer "DNA (5'-D(*TP*AP*GP*AP*CP*CP*TP*GP*GP*AP*CP*GP*G)-3')"
4 non-polymer GLYCEROL
5 water water
#
loop_
_entity_poly.entity_id
_entity_poly.type
_entity_poly.pdbx_seq_one_letter_code
_entity_poly.pdbx_strand_id
1 'polypeptide(L)'
;MGQGPELHLASQFVNEACRALVFGGCVEKSSVSRNPEVPFESSAYRISASARGKELRLILSPLPGAQPQQEPLALVFRFG
MSGSFQLVPREELPRHAHLRFYTAPPGPRLALCFVDIRRFGRWDLGGKWQPGRGPCVLQEYQQFRENVLRNLADKAFDRP
ICEALLDQRFFNGIGNYLRAEILYRLKIPPFEKARSVLEALQQHRPSPELTLSQKIRTKLQNPDLLELCHSVPKEVVQLG
GKGYGSESGEEDFAAFRAWLRCYGMPGMSSLQDRHGRTIWFQGDPGPLAPKGRKS
;
A,D,G
2 'polydeoxyribonucleotide' (DC)(DG)(DT)(DC)(DC)(DA)(QBT)(DG)(DT)(DC)(DT)(DA)(DC) B,E,H
3 'polydeoxyribonucleotide' (DT)(DA)(DG)(DA)(DC)(DC)(DT)(DG)(DG)(DA)(DC)(DG)(DG) C,F,I
#
loop_
_chem_comp.id
_chem_comp.type
_chem_comp.name
_chem_comp.formula
DA DNA linking 2'-DEOXYADENOSINE-5'-MONOPHOSPHATE 'C10 H14 N5 O6 P'
DC DNA linking 2'-DEOXYCYTIDINE-5'-MONOPHOSPHATE 'C9 H14 N3 O7 P'
DG DNA linking 2'-DEOXYGUANOSINE-5'-MONOPHOSPHATE 'C10 H14 N5 O7 P'
DT DNA linking THYMIDINE-5'-MONOPHOSPHATE 'C10 H15 N2 O8 P'
GOL non-polymer GLYCEROL 'C3 H8 O3'
QBT DNA linking '[(2R,3S,5R)-3-HYDROXY-5-[(5S)-5-METHYL-2,4-DIOXO-1,3-DIAZINAN-1-YL]OXOLAN-2-YL]METHYL DIHYDROGEN PHOSPHATE' 'C10 H17 N2 O8 P'
#
# COMPACT_ATOMS: atom_id res chain seq x y z
N GLY A 2 1.96 -24.77 7.25
CA GLY A 2 0.89 -24.58 8.21
C GLY A 2 -0.06 -23.49 7.75
N GLN A 3 -0.99 -23.15 8.63
CA GLN A 3 -2.00 -22.11 8.44
C GLN A 3 -1.65 -21.04 9.46
N GLY A 4 -2.50 -20.05 9.63
CA GLY A 4 -2.12 -18.93 10.47
C GLY A 4 -1.68 -19.36 11.85
N PRO A 5 -2.36 -20.29 12.53
CA PRO A 5 -1.95 -20.66 13.87
C PRO A 5 -0.52 -21.23 13.91
N GLU A 6 -0.20 -22.07 12.92
CA GLU A 6 1.11 -22.73 12.83
C GLU A 6 2.20 -21.66 12.60
N LEU A 7 2.02 -20.78 11.62
CA LEU A 7 2.94 -19.66 11.32
C LEU A 7 3.09 -18.78 12.57
N HIS A 8 2.00 -18.49 13.27
CA HIS A 8 2.08 -17.62 14.46
C HIS A 8 2.89 -18.31 15.55
N LEU A 9 2.59 -19.58 15.81
CA LEU A 9 3.27 -20.41 16.85
C LEU A 9 4.77 -20.58 16.50
N ALA A 10 5.07 -20.74 15.21
CA ALA A 10 6.45 -20.80 14.69
C ALA A 10 7.17 -19.50 15.05
N SER A 11 6.54 -18.34 14.85
CA SER A 11 7.18 -17.03 15.13
C SER A 11 7.40 -16.92 16.65
N GLN A 12 6.47 -17.41 17.46
CA GLN A 12 6.66 -17.44 18.94
C GLN A 12 7.83 -18.34 19.29
N PHE A 13 7.99 -19.45 18.59
CA PHE A 13 9.06 -20.45 18.83
C PHE A 13 10.42 -19.79 18.52
N VAL A 14 10.58 -19.24 17.32
CA VAL A 14 11.82 -18.52 16.95
C VAL A 14 12.14 -17.50 18.04
N ASN A 15 11.16 -16.73 18.51
CA ASN A 15 11.44 -15.60 19.44
C ASN A 15 11.89 -16.12 20.80
N GLU A 16 11.20 -17.12 21.36
CA GLU A 16 11.52 -17.66 22.71
C GLU A 16 12.84 -18.44 22.64
N ALA A 17 12.99 -19.34 21.66
CA ALA A 17 14.16 -20.21 21.51
C ALA A 17 15.42 -19.37 21.27
N CYS A 18 15.32 -18.28 20.52
CA CYS A 18 16.50 -17.47 20.09
C CYS A 18 16.72 -16.26 21.04
N ARG A 19 15.87 -16.11 22.05
CA ARG A 19 15.87 -14.94 22.96
C ARG A 19 17.26 -14.71 23.52
N ALA A 20 17.91 -15.75 24.01
CA ALA A 20 19.22 -15.62 24.69
C ALA A 20 20.31 -16.27 23.83
N LEU A 21 20.11 -16.37 22.52
CA LEU A 21 21.14 -16.93 21.63
C LEU A 21 21.76 -15.81 20.83
N VAL A 22 23.01 -16.02 20.43
CA VAL A 22 23.73 -15.18 19.47
C VAL A 22 24.18 -16.07 18.31
N PHE A 23 23.79 -15.68 17.10
CA PHE A 23 24.19 -16.31 15.82
C PHE A 23 25.43 -15.57 15.31
N GLY A 24 26.24 -16.28 14.54
CA GLY A 24 27.36 -15.72 13.77
C GLY A 24 27.61 -16.53 12.51
N GLY A 25 28.19 -15.91 11.50
CA GLY A 25 28.60 -16.57 10.26
C GLY A 25 27.63 -16.21 9.17
N CYS A 26 27.52 -17.06 8.16
CA CYS A 26 26.60 -16.91 7.01
C CYS A 26 25.34 -17.71 7.24
N VAL A 27 24.40 -17.55 6.32
CA VAL A 27 23.10 -18.27 6.34
C VAL A 27 23.19 -19.31 5.23
N GLU A 28 23.27 -20.57 5.64
CA GLU A 28 23.57 -21.73 4.75
C GLU A 28 22.27 -22.28 4.15
N LYS A 29 22.25 -22.47 2.85
CA LYS A 29 21.10 -23.04 2.09
C LYS A 29 21.50 -24.43 1.59
N SER A 30 20.65 -25.44 1.77
CA SER A 30 20.82 -26.78 1.16
C SER A 30 21.02 -26.62 -0.36
N SER A 31 21.74 -27.52 -1.01
CA SER A 31 22.02 -27.35 -2.46
C SER A 31 20.74 -27.63 -3.27
N VAL A 32 19.87 -28.53 -2.80
CA VAL A 32 18.64 -28.94 -3.55
C VAL A 32 17.59 -27.82 -3.55
N SER A 33 17.60 -26.88 -2.58
CA SER A 33 16.62 -25.77 -2.48
C SER A 33 16.75 -24.81 -3.66
N ARG A 34 15.65 -24.55 -4.36
CA ARG A 34 15.56 -23.60 -5.50
C ARG A 34 15.23 -22.18 -5.02
N ASN A 35 15.04 -21.96 -3.72
CA ASN A 35 14.94 -20.61 -3.14
C ASN A 35 16.31 -19.93 -3.19
N PRO A 36 16.37 -18.59 -2.93
CA PRO A 36 17.59 -17.81 -3.08
C PRO A 36 18.62 -17.94 -1.95
N GLU A 37 19.90 -17.91 -2.30
CA GLU A 37 21.00 -17.75 -1.33
C GLU A 37 20.70 -16.46 -0.54
N VAL A 38 20.86 -16.51 0.77
CA VAL A 38 20.65 -15.35 1.67
C VAL A 38 22.01 -14.67 1.85
N PRO A 39 22.27 -13.53 1.18
CA PRO A 39 23.58 -12.88 1.26
C PRO A 39 23.59 -12.10 2.59
N PHE A 40 24.14 -12.71 3.64
CA PHE A 40 24.19 -12.10 4.99
C PHE A 40 25.30 -12.75 5.81
N GLU A 41 26.20 -11.94 6.37
CA GLU A 41 27.22 -12.45 7.31
C GLU A 41 27.44 -11.47 8.47
N SER A 42 27.33 -11.95 9.72
CA SER A 42 27.71 -11.22 10.95
C SER A 42 28.39 -12.13 11.98
N SER A 43 29.42 -11.64 12.65
CA SER A 43 30.18 -12.32 13.74
C SER A 43 29.25 -12.56 14.93
N ALA A 44 28.20 -11.75 15.04
CA ALA A 44 27.27 -11.69 16.21
C ALA A 44 25.95 -11.08 15.77
N TYR A 45 24.87 -11.87 15.77
CA TYR A 45 23.51 -11.37 15.40
C TYR A 45 22.42 -12.15 16.12
N ARG A 46 21.32 -11.43 16.35
CA ARG A 46 20.11 -11.97 17.03
C ARG A 46 19.02 -12.15 15.97
N ILE A 47 18.24 -13.23 16.12
CA ILE A 47 17.10 -13.59 15.21
C ILE A 47 15.79 -13.44 15.97
N SER A 48 14.84 -12.71 15.38
CA SER A 48 13.48 -12.51 15.93
C SER A 48 12.46 -12.75 14.81
N ALA A 49 11.18 -12.78 15.14
CA ALA A 49 10.15 -13.16 14.16
C ALA A 49 8.85 -12.48 14.51
N SER A 50 8.06 -12.27 13.46
CA SER A 50 6.63 -11.93 13.56
C SER A 50 5.91 -12.72 12.48
N ALA A 51 4.63 -12.99 12.70
CA ALA A 51 3.78 -13.70 11.71
C ALA A 51 2.68 -12.77 11.22
N ARG A 52 2.34 -12.93 9.96
CA ARG A 52 1.19 -12.24 9.37
C ARG A 52 0.49 -13.22 8.46
N GLY A 53 -0.64 -13.74 8.92
CA GLY A 53 -1.43 -14.65 8.10
C GLY A 53 -0.61 -15.92 7.90
N LYS A 54 -0.37 -16.28 6.66
CA LYS A 54 0.31 -17.56 6.33
C LYS A 54 1.76 -17.28 5.93
N GLU A 55 2.36 -16.19 6.43
CA GLU A 55 3.78 -15.81 6.19
C GLU A 55 4.44 -15.53 7.54
N LEU A 56 5.74 -15.74 7.62
CA LEU A 56 6.55 -15.44 8.82
C LEU A 56 7.71 -14.58 8.37
N ARG A 57 8.02 -13.52 9.11
CA ARG A 57 9.16 -12.64 8.79
C ARG A 57 10.24 -12.86 9.86
N LEU A 58 11.46 -13.22 9.44
CA LEU A 58 12.63 -13.30 10.35
C LEU A 58 13.38 -11.97 10.26
N ILE A 59 13.81 -11.42 11.40
CA ILE A 59 14.78 -10.30 11.36
C ILE A 59 16.13 -10.75 11.90
N LEU A 60 17.16 -10.67 11.05
CA LEU A 60 18.58 -10.89 11.39
C LEU A 60 19.18 -9.53 11.80
N SER A 61 19.56 -9.38 13.07
CA SER A 61 19.94 -8.09 13.71
C SER A 61 21.34 -8.17 14.33
N PRO A 62 22.40 -7.72 13.61
CA PRO A 62 23.75 -7.76 14.13
C PRO A 62 23.88 -6.97 15.43
N LEU A 63 24.73 -7.41 16.35
CA LEU A 63 24.97 -6.70 17.63
C LEU A 63 25.83 -5.47 17.35
N PRO A 64 25.85 -4.54 18.33
CA PRO A 64 26.73 -3.38 18.22
C PRO A 64 28.16 -3.91 18.06
N GLY A 65 28.81 -3.50 16.98
CA GLY A 65 30.24 -3.74 16.71
C GLY A 65 30.49 -4.99 15.90
N ALA A 66 29.46 -5.74 15.59
CA ALA A 66 29.61 -6.97 14.84
C ALA A 66 30.31 -6.69 13.57
N GLN A 67 30.96 -7.70 13.01
CA GLN A 67 31.67 -7.52 11.79
C GLN A 67 31.33 -8.63 10.87
N PRO A 68 31.34 -8.40 9.57
CA PRO A 68 31.41 -7.17 8.78
C PRO A 68 30.27 -6.22 8.99
N GLN A 69 30.44 -4.95 8.66
CA GLN A 69 29.37 -3.98 8.86
C GLN A 69 28.14 -4.43 8.14
N GLN A 70 27.01 -4.41 8.85
CA GLN A 70 25.77 -4.88 8.28
C GLN A 70 24.55 -4.28 8.90
N GLU A 71 23.56 -4.05 8.06
CA GLU A 71 22.28 -3.55 8.48
C GLU A 71 21.39 -4.77 8.63
N PRO A 72 20.42 -4.70 9.52
CA PRO A 72 19.54 -5.84 9.76
C PRO A 72 18.99 -6.35 8.42
N LEU A 73 18.79 -7.66 8.32
CA LEU A 73 18.19 -8.30 7.13
C LEU A 73 16.83 -8.94 7.50
N ALA A 74 15.82 -8.68 6.68
CA ALA A 74 14.48 -9.29 6.83
C ALA A 74 14.26 -10.32 5.72
N LEU A 75 13.66 -11.45 6.09
CA LEU A 75 13.29 -12.57 5.19
C LEU A 75 11.84 -12.92 5.43
N VAL A 76 11.07 -13.08 4.37
CA VAL A 76 9.69 -13.59 4.54
C VAL A 76 9.64 -15.01 4.00
N PHE A 77 9.09 -15.90 4.81
CA PHE A 77 8.87 -17.34 4.56
C PHE A 77 7.38 -17.66 4.38
N ARG A 78 7.04 -18.49 3.41
CA ARG A 78 5.76 -19.23 3.33
C ARG A 78 6.06 -20.74 3.47
N PHE A 79 5.29 -21.43 4.27
CA PHE A 79 5.63 -22.80 4.72
C PHE A 79 5.15 -23.86 3.72
N GLY A 80 4.26 -23.52 2.79
CA GLY A 80 3.58 -24.57 2.01
C GLY A 80 3.01 -25.67 2.91
N MET A 81 3.11 -26.93 2.49
CA MET A 81 2.42 -28.07 3.13
C MET A 81 3.19 -28.58 4.35
N SER A 82 4.51 -28.34 4.44
CA SER A 82 5.38 -29.01 5.43
C SER A 82 6.47 -28.10 6.02
N GLY A 83 6.40 -26.80 5.82
CA GLY A 83 7.38 -25.87 6.44
C GLY A 83 7.31 -25.88 7.96
N SER A 84 8.45 -25.65 8.61
CA SER A 84 8.59 -25.52 10.08
C SER A 84 9.95 -24.92 10.42
N PHE A 85 10.13 -24.56 11.68
CA PHE A 85 11.41 -24.12 12.26
C PHE A 85 11.78 -25.10 13.37
N GLN A 86 13.05 -25.46 13.44
CA GLN A 86 13.61 -26.31 14.52
C GLN A 86 14.92 -25.68 15.01
N LEU A 87 15.18 -25.84 16.30
CA LEU A 87 16.47 -25.51 16.96
C LEU A 87 17.11 -26.84 17.30
N VAL A 88 18.15 -27.24 16.56
CA VAL A 88 18.83 -28.57 16.73
C VAL A 88 20.31 -28.37 17.03
N PRO A 89 20.97 -29.38 17.62
CA PRO A 89 22.44 -29.39 17.65
C PRO A 89 23.04 -29.33 16.23
N ARG A 90 24.12 -28.55 16.07
CA ARG A 90 24.71 -28.12 14.77
C ARG A 90 24.96 -29.32 13.84
N GLU A 91 25.34 -30.49 14.38
CA GLU A 91 25.68 -31.70 13.56
C GLU A 91 24.60 -32.79 13.72
N GLU A 92 23.36 -32.43 14.04
CA GLU A 92 22.18 -33.32 13.93
C GLU A 92 21.05 -32.56 13.22
N LEU A 93 21.38 -31.94 12.07
CA LEU A 93 20.44 -31.32 11.10
C LEU A 93 19.39 -32.35 10.72
N PRO A 94 18.08 -32.03 10.78
CA PRO A 94 17.06 -32.85 10.17
C PRO A 94 17.26 -33.02 8.66
N ARG A 95 16.60 -34.04 8.10
CA ARG A 95 16.82 -34.49 6.72
C ARG A 95 16.55 -33.36 5.70
N HIS A 96 15.55 -32.49 5.90
CA HIS A 96 15.18 -31.48 4.88
C HIS A 96 15.40 -30.05 5.42
N ALA A 97 16.48 -29.85 6.13
CA ALA A 97 16.84 -28.53 6.68
C ALA A 97 17.38 -27.71 5.52
N HIS A 98 16.55 -26.87 4.89
CA HIS A 98 16.92 -26.20 3.62
C HIS A 98 17.55 -24.82 3.87
N LEU A 99 17.41 -24.27 5.08
CA LEU A 99 18.08 -23.00 5.43
C LEU A 99 18.42 -23.02 6.93
N ARG A 100 19.65 -22.63 7.26
CA ARG A 100 20.23 -22.81 8.62
C ARG A 100 20.98 -21.55 9.05
N PHE A 101 20.79 -21.17 10.32
CA PHE A 101 21.46 -20.08 11.05
C PHE A 101 22.20 -20.72 12.22
N TYR A 102 23.51 -20.45 12.38
CA TYR A 102 24.40 -21.16 13.32
C TYR A 102 24.76 -20.26 14.52
N THR A 103 24.50 -20.75 15.73
CA THR A 103 24.86 -20.02 16.96
C THR A 103 26.37 -19.79 16.98
N ALA A 104 26.80 -18.76 17.66
CA ALA A 104 28.21 -18.51 17.82
C ALA A 104 28.59 -18.97 19.21
N PRO A 105 29.87 -19.19 19.41
CA PRO A 105 30.32 -19.61 20.74
C PRO A 105 30.25 -18.45 21.69
N PRO A 106 30.05 -18.73 22.97
CA PRO A 106 30.32 -20.01 23.58
C PRO A 106 29.04 -20.79 23.73
N GLY A 107 29.10 -21.93 24.37
CA GLY A 107 27.94 -22.75 24.58
C GLY A 107 27.81 -23.76 23.48
N PRO A 108 26.84 -24.65 23.61
CA PRO A 108 26.48 -25.70 22.69
C PRO A 108 26.13 -25.13 21.36
N ARG A 109 26.84 -25.57 20.34
CA ARG A 109 26.67 -25.08 18.94
C ARG A 109 25.34 -25.56 18.41
N LEU A 110 24.45 -24.66 18.04
CA LEU A 110 23.07 -25.03 17.64
C LEU A 110 22.80 -24.49 16.23
N ALA A 111 21.69 -24.91 15.65
CA ALA A 111 21.25 -24.46 14.33
C ALA A 111 19.75 -24.22 14.37
N LEU A 112 19.34 -23.02 13.99
CA LEU A 112 17.94 -22.72 13.65
C LEU A 112 17.73 -23.13 12.20
N CYS A 113 16.80 -24.04 11.94
CA CYS A 113 16.61 -24.59 10.59
C CYS A 113 15.18 -24.35 10.16
N PHE A 114 15.01 -23.82 8.95
CA PHE A 114 13.77 -23.96 8.17
C PHE A 114 13.76 -25.39 7.60
N VAL A 115 12.83 -26.23 8.07
CA VAL A 115 12.66 -27.64 7.64
C VAL A 115 11.38 -27.73 6.81
N ASP A 116 11.50 -28.25 5.59
CA ASP A 116 10.39 -28.31 4.59
C ASP A 116 10.57 -29.57 3.75
N ILE A 117 10.04 -30.69 4.24
CA ILE A 117 10.07 -32.02 3.57
C ILE A 117 9.74 -31.83 2.08
N ARG A 118 8.60 -31.24 1.75
CA ARG A 118 8.06 -31.31 0.36
C ARG A 118 8.58 -30.16 -0.48
N ARG A 119 9.12 -29.12 0.15
CA ARG A 119 9.78 -28.00 -0.55
C ARG A 119 8.75 -27.15 -1.30
N PHE A 120 7.50 -27.12 -0.82
CA PHE A 120 6.47 -26.19 -1.34
C PHE A 120 6.69 -24.81 -0.70
N GLY A 121 7.29 -24.79 0.49
CA GLY A 121 7.69 -23.53 1.13
C GLY A 121 8.63 -22.72 0.23
N ARG A 122 8.56 -21.40 0.35
CA ARG A 122 9.41 -20.43 -0.37
C ARG A 122 9.92 -19.38 0.63
N TRP A 123 11.03 -18.70 0.32
CA TRP A 123 11.42 -17.45 1.02
C TRP A 123 11.91 -16.46 -0.06
N ASP A 124 11.82 -15.16 0.25
CA ASP A 124 12.27 -14.03 -0.62
C ASP A 124 13.19 -13.12 0.21
N LEU A 125 14.04 -12.37 -0.45
CA LEU A 125 14.97 -11.52 0.24
C LEU A 125 14.42 -10.20 0.73
N GLY A 126 13.51 -9.62 -0.02
CA GLY A 126 12.94 -8.34 0.35
C GLY A 126 12.54 -8.07 1.79
N GLY A 127 11.83 -8.98 2.42
CA GLY A 127 11.40 -8.75 3.78
C GLY A 127 10.02 -8.16 3.83
N LYS A 128 9.37 -8.05 2.70
CA LYS A 128 8.06 -7.50 2.64
C LYS A 128 7.02 -8.56 2.49
N TRP A 129 5.85 -8.33 3.07
CA TRP A 129 4.72 -9.29 2.93
C TRP A 129 4.28 -9.36 1.46
N GLN A 130 3.64 -10.45 1.12
CA GLN A 130 3.26 -10.73 -0.28
C GLN A 130 2.24 -9.69 -0.67
N PRO A 131 2.54 -8.84 -1.66
CA PRO A 131 1.52 -7.88 -2.13
C PRO A 131 0.32 -8.72 -2.56
N GLY A 132 -0.90 -8.30 -2.20
CA GLY A 132 -2.11 -9.04 -2.60
C GLY A 132 -2.66 -9.83 -1.45
N ARG A 133 -1.83 -10.34 -0.52
CA ARG A 133 -2.40 -10.99 0.70
C ARG A 133 -3.12 -9.92 1.52
N GLY A 134 -4.33 -10.27 1.94
CA GLY A 134 -5.11 -9.45 2.89
C GLY A 134 -4.44 -9.38 4.24
N PRO A 135 -5.06 -8.68 5.21
CA PRO A 135 -4.55 -8.60 6.56
C PRO A 135 -4.77 -9.91 7.35
N CYS A 136 -3.94 -10.07 8.40
CA CYS A 136 -3.87 -11.31 9.21
C CYS A 136 -5.18 -11.46 9.99
N VAL A 137 -5.83 -12.61 9.84
CA VAL A 137 -7.09 -12.89 10.58
C VAL A 137 -6.81 -12.91 12.08
N LEU A 138 -5.56 -13.22 12.48
CA LEU A 138 -5.23 -13.27 13.93
C LEU A 138 -4.89 -11.85 14.44
N GLN A 139 -3.96 -11.16 13.80
CA GLN A 139 -3.33 -9.97 14.40
C GLN A 139 -3.92 -8.68 13.82
N GLU A 140 -4.67 -8.72 12.73
CA GLU A 140 -5.21 -7.51 12.07
C GLU A 140 -6.71 -7.71 11.81
N TYR A 141 -7.42 -8.17 12.84
CA TYR A 141 -8.84 -8.59 12.70
C TYR A 141 -9.65 -7.47 12.05
N GLN A 142 -9.59 -6.27 12.61
CA GLN A 142 -10.48 -5.19 12.15
C GLN A 142 -10.15 -4.85 10.70
N GLN A 143 -8.88 -4.75 10.36
CA GLN A 143 -8.48 -4.46 8.96
C GLN A 143 -8.96 -5.60 8.06
N PHE A 144 -8.78 -6.84 8.47
CA PHE A 144 -9.23 -8.05 7.72
C PHE A 144 -10.73 -7.99 7.46
N ARG A 145 -11.50 -7.67 8.50
CA ARG A 145 -12.99 -7.68 8.44
C ARG A 145 -13.44 -6.63 7.41
N GLU A 146 -12.91 -5.40 7.53
CA GLU A 146 -13.27 -4.25 6.65
C GLU A 146 -12.91 -4.62 5.21
N ASN A 147 -11.72 -5.18 5.01
CA ASN A 147 -11.20 -5.54 3.67
C ASN A 147 -12.15 -6.53 2.98
N VAL A 148 -12.84 -7.40 3.71
CA VAL A 148 -13.88 -8.29 3.09
C VAL A 148 -15.15 -7.49 2.80
N LEU A 149 -15.74 -6.85 3.81
CA LEU A 149 -17.07 -6.21 3.68
C LEU A 149 -17.05 -5.08 2.63
N ARG A 150 -15.89 -4.45 2.43
CA ARG A 150 -15.69 -3.35 1.47
C ARG A 150 -15.58 -3.88 0.02
N ASN A 151 -15.30 -5.17 -0.21
CA ASN A 151 -15.03 -5.74 -1.57
C ASN A 151 -15.90 -6.96 -1.88
N LEU A 152 -17.15 -7.00 -1.46
CA LEU A 152 -18.05 -8.15 -1.76
C LEU A 152 -18.41 -8.20 -3.26
N ALA A 153 -18.18 -7.12 -4.02
CA ALA A 153 -18.51 -7.09 -5.47
C ALA A 153 -17.49 -7.92 -6.24
N ASP A 154 -16.29 -8.06 -5.70
CA ASP A 154 -15.18 -8.87 -6.27
C ASP A 154 -15.72 -10.22 -6.69
N LYS A 155 -15.24 -10.77 -7.82
CA LYS A 155 -15.78 -12.03 -8.41
C LYS A 155 -15.37 -13.18 -7.49
N ALA A 156 -14.38 -12.98 -6.60
CA ALA A 156 -13.97 -13.99 -5.62
C ALA A 156 -15.18 -14.48 -4.81
N PHE A 157 -16.15 -13.62 -4.51
CA PHE A 157 -17.31 -13.97 -3.64
C PHE A 157 -18.46 -14.57 -4.47
N ASP A 158 -18.31 -14.67 -5.79
CA ASP A 158 -19.18 -15.50 -6.66
C ASP A 158 -19.02 -16.98 -6.29
N ARG A 159 -17.84 -17.38 -5.85
CA ARG A 159 -17.46 -18.80 -5.61
C ARG A 159 -18.19 -19.29 -4.35
N PRO A 160 -18.29 -20.62 -4.15
CA PRO A 160 -18.77 -21.16 -2.90
C PRO A 160 -17.96 -20.60 -1.71
N ILE A 161 -18.57 -20.58 -0.53
CA ILE A 161 -17.94 -19.96 0.67
C ILE A 161 -16.70 -20.77 1.03
N CYS A 162 -16.77 -22.10 0.94
CA CYS A 162 -15.63 -22.98 1.30
C CYS A 162 -14.39 -22.65 0.43
N GLU A 163 -14.58 -22.26 -0.83
CA GLU A 163 -13.51 -21.86 -1.77
C GLU A 163 -13.02 -20.46 -1.41
N ALA A 164 -13.95 -19.53 -1.23
CA ALA A 164 -13.61 -18.13 -0.89
C ALA A 164 -12.75 -18.08 0.37
N LEU A 165 -13.00 -18.93 1.36
CA LEU A 165 -12.27 -18.97 2.66
C LEU A 165 -10.78 -19.28 2.45
N LEU A 166 -10.36 -19.88 1.33
CA LEU A 166 -8.92 -20.19 1.06
C LEU A 166 -8.25 -19.07 0.26
N ASP A 167 -9.00 -18.10 -0.25
CA ASP A 167 -8.45 -16.98 -1.07
C ASP A 167 -7.68 -16.02 -0.17
N GLN A 168 -6.34 -16.00 -0.27
CA GLN A 168 -5.49 -15.37 0.75
C GLN A 168 -5.50 -13.85 0.59
N ARG A 169 -6.13 -13.34 -0.46
CA ARG A 169 -6.35 -11.88 -0.62
C ARG A 169 -7.33 -11.35 0.44
N PHE A 170 -8.20 -12.21 0.97
CA PHE A 170 -9.31 -11.85 1.88
C PHE A 170 -9.28 -12.63 3.18
N PHE A 171 -8.75 -13.86 3.19
CA PHE A 171 -8.64 -14.69 4.43
C PHE A 171 -7.20 -15.15 4.68
N ASN A 172 -6.27 -14.19 4.66
CA ASN A 172 -4.82 -14.47 4.89
C ASN A 172 -4.68 -15.22 6.20
N GLY A 173 -4.32 -16.50 6.15
CA GLY A 173 -4.16 -17.33 7.36
C GLY A 173 -5.11 -18.51 7.39
N ILE A 174 -6.22 -18.47 6.66
CA ILE A 174 -7.22 -19.57 6.68
C ILE A 174 -6.76 -20.67 5.71
N GLY A 175 -6.66 -21.89 6.23
CA GLY A 175 -6.45 -23.10 5.42
C GLY A 175 -7.50 -24.16 5.61
N ASN A 176 -7.24 -25.32 5.07
CA ASN A 176 -8.27 -26.35 4.83
C ASN A 176 -8.96 -26.74 6.13
N TYR A 177 -8.20 -27.09 7.18
CA TYR A 177 -8.83 -27.52 8.45
C TYR A 177 -9.62 -26.35 8.99
N LEU A 178 -9.07 -25.13 8.93
CA LEU A 178 -9.78 -23.96 9.54
C LEU A 178 -11.09 -23.69 8.81
N ARG A 179 -11.17 -23.82 7.47
CA ARG A 179 -12.43 -23.54 6.75
C ARG A 179 -13.50 -24.54 7.21
N ALA A 180 -13.14 -25.81 7.35
CA ALA A 180 -14.06 -26.84 7.84
C ALA A 180 -14.53 -26.48 9.26
N GLU A 181 -13.60 -26.21 10.17
CA GLU A 181 -13.90 -25.97 11.60
C GLU A 181 -14.81 -24.73 11.73
N ILE A 182 -14.58 -23.72 10.90
CA ILE A 182 -15.29 -22.42 10.97
C ILE A 182 -16.73 -22.60 10.48
N LEU A 183 -16.94 -23.19 9.32
CA LEU A 183 -18.30 -23.43 8.77
C LEU A 183 -19.10 -24.41 9.65
N TYR A 184 -18.49 -25.42 10.25
CA TYR A 184 -19.19 -26.37 11.14
C TYR A 184 -19.69 -25.66 12.40
N ARG A 185 -18.97 -24.67 12.95
CA ARG A 185 -19.39 -23.95 14.18
C ARG A 185 -20.70 -23.19 13.90
N LEU A 186 -20.89 -22.66 12.69
CA LEU A 186 -22.10 -21.91 12.29
C LEU A 186 -23.01 -22.79 11.42
N LYS A 187 -22.62 -24.04 11.21
CA LYS A 187 -23.43 -24.97 10.38
C LYS A 187 -23.86 -24.23 9.13
N ILE A 188 -22.94 -23.52 8.49
CA ILE A 188 -23.09 -22.92 7.13
C ILE A 188 -22.69 -23.98 6.13
N PRO A 189 -23.58 -24.34 5.19
CA PRO A 189 -23.18 -25.23 4.12
C PRO A 189 -21.96 -24.69 3.37
N PRO A 190 -20.99 -25.58 3.04
CA PRO A 190 -19.77 -25.16 2.36
C PRO A 190 -19.97 -24.67 0.93
N PHE A 191 -21.07 -25.05 0.30
CA PHE A 191 -21.38 -24.63 -1.09
C PHE A 191 -22.57 -23.67 -1.08
N GLU A 192 -22.82 -23.03 0.04
CA GLU A 192 -23.54 -21.74 0.04
C GLU A 192 -22.65 -20.75 -0.71
N LYS A 193 -23.21 -19.75 -1.38
CA LYS A 193 -22.45 -18.72 -2.12
C LYS A 193 -21.82 -17.75 -1.10
N ALA A 194 -20.53 -17.43 -1.27
CA ALA A 194 -19.80 -16.58 -0.30
C ALA A 194 -20.51 -15.23 -0.12
N ARG A 195 -20.91 -14.59 -1.22
CA ARG A 195 -21.55 -13.24 -1.15
C ARG A 195 -22.84 -13.35 -0.33
N SER A 196 -23.66 -14.40 -0.49
CA SER A 196 -24.90 -14.61 0.29
C SER A 196 -24.63 -14.61 1.80
N VAL A 197 -23.55 -15.25 2.24
CA VAL A 197 -23.29 -15.48 3.69
C VAL A 197 -22.67 -14.23 4.28
N LEU A 198 -21.97 -13.46 3.47
CA LEU A 198 -21.20 -12.27 3.89
C LEU A 198 -22.06 -10.99 3.78
N GLU A 199 -22.88 -10.93 2.76
CA GLU A 199 -23.78 -9.84 2.49
C GLU A 199 -24.68 -9.59 3.64
N ALA A 200 -24.91 -10.63 4.41
CA ALA A 200 -25.76 -10.57 5.57
C ALA A 200 -25.05 -10.19 6.85
N LEU A 201 -24.08 -9.27 6.77
CA LEU A 201 -23.25 -8.88 7.89
C LEU A 201 -22.85 -7.44 7.78
N GLN A 202 -23.15 -6.82 6.65
CA GLN A 202 -22.77 -5.44 6.48
C GLN A 202 -23.55 -4.49 7.38
N ASN A 222 -24.71 -12.61 18.23
C ASN A 222 -22.75 -13.25 17.19
N PRO A 223 -21.75 -14.13 17.42
CA PRO A 223 -20.52 -14.13 16.65
C PRO A 223 -20.79 -14.67 15.23
N ASP A 224 -20.47 -13.89 14.22
CA ASP A 224 -20.71 -14.18 12.79
C ASP A 224 -19.47 -14.86 12.18
N LEU A 225 -19.53 -15.18 10.89
CA LEU A 225 -18.49 -15.96 10.17
C LEU A 225 -17.16 -15.21 10.14
N LEU A 226 -17.16 -13.90 9.87
CA LEU A 226 -15.88 -13.16 9.87
C LEU A 226 -15.27 -13.17 11.27
N GLU A 227 -16.07 -13.13 12.33
CA GLU A 227 -15.49 -13.11 13.69
C GLU A 227 -14.81 -14.48 13.99
N LEU A 228 -15.43 -15.57 13.56
CA LEU A 228 -14.88 -16.91 13.76
C LEU A 228 -13.61 -17.08 12.92
N CYS A 229 -13.45 -16.35 11.81
CA CYS A 229 -12.19 -16.38 11.02
C CYS A 229 -11.03 -15.96 11.91
N HIS A 230 -11.30 -15.19 12.96
CA HIS A 230 -10.32 -14.71 13.95
C HIS A 230 -10.35 -15.66 15.15
N SER A 231 -11.49 -15.84 15.80
CA SER A 231 -11.61 -16.52 17.11
C SER A 231 -11.26 -18.01 17.00
N VAL A 232 -11.57 -18.66 15.90
CA VAL A 232 -11.30 -20.13 15.76
C VAL A 232 -9.79 -20.37 15.68
N PRO A 233 -9.05 -19.71 14.74
CA PRO A 233 -7.61 -19.79 14.75
C PRO A 233 -6.99 -19.37 16.10
N LYS A 234 -7.56 -18.37 16.75
CA LYS A 234 -7.00 -17.93 18.05
C LYS A 234 -7.06 -19.10 19.01
N GLU A 235 -8.11 -19.92 18.92
CA GLU A 235 -8.29 -21.09 19.81
C GLU A 235 -7.10 -22.03 19.59
N VAL A 236 -6.71 -22.27 18.33
CA VAL A 236 -5.59 -23.19 18.00
C VAL A 236 -4.31 -22.65 18.66
N VAL A 237 -4.08 -21.34 18.59
CA VAL A 237 -2.89 -20.68 19.17
C VAL A 237 -2.84 -20.94 20.68
N GLN A 238 -3.99 -20.87 21.34
CA GLN A 238 -4.09 -20.97 22.80
C GLN A 238 -3.80 -22.40 23.24
N LEU A 239 -4.03 -23.41 22.40
CA LEU A 239 -3.65 -24.81 22.74
C LEU A 239 -2.17 -24.84 23.09
N GLY A 240 -1.39 -23.96 22.43
CA GLY A 240 0.06 -23.81 22.61
C GLY A 240 0.72 -24.78 21.67
N GLY A 241 2.01 -25.07 21.88
CA GLY A 241 2.71 -26.24 21.33
C GLY A 241 2.56 -26.35 19.81
N LYS A 242 2.11 -27.52 19.33
CA LYS A 242 2.29 -28.08 17.95
C LYS A 242 3.81 -28.22 17.63
N GLY A 243 4.60 -28.76 18.59
CA GLY A 243 6.07 -28.91 18.52
C GLY A 243 6.82 -27.58 18.68
N TYR A 244 6.25 -26.66 19.46
CA TYR A 244 6.63 -25.22 19.53
C TYR A 244 6.50 -24.72 20.98
N GLY A 249 5.33 -32.69 22.39
CA GLY A 249 5.41 -32.76 20.91
C GLY A 249 4.42 -33.75 20.32
N GLU A 250 4.34 -34.95 20.91
CA GLU A 250 3.34 -36.00 20.56
C GLU A 250 2.03 -35.69 21.29
N GLU A 251 2.09 -35.22 22.55
CA GLU A 251 0.90 -34.90 23.39
C GLU A 251 0.25 -33.59 22.88
N ASP A 252 1.05 -32.60 22.46
CA ASP A 252 0.55 -31.33 21.85
C ASP A 252 -0.33 -31.69 20.64
N PHE A 253 0.09 -32.71 19.88
CA PHE A 253 -0.62 -33.21 18.68
C PHE A 253 -1.96 -33.84 19.08
N ALA A 254 -2.01 -34.57 20.21
CA ALA A 254 -3.25 -35.18 20.76
C ALA A 254 -4.25 -34.08 21.11
N ALA A 255 -3.80 -32.97 21.69
CA ALA A 255 -4.66 -31.83 22.08
C ALA A 255 -5.33 -31.26 20.83
N PHE A 256 -4.56 -31.05 19.76
CA PHE A 256 -5.12 -30.53 18.48
C PHE A 256 -6.17 -31.51 17.94
N ARG A 257 -5.92 -32.79 18.03
CA ARG A 257 -6.87 -33.83 17.49
C ARG A 257 -8.21 -33.78 18.24
N ALA A 258 -8.14 -33.62 19.57
CA ALA A 258 -9.29 -33.49 20.49
C ALA A 258 -10.05 -32.18 20.21
N TRP A 259 -9.33 -31.11 19.89
CA TRP A 259 -9.92 -29.79 19.56
C TRP A 259 -10.78 -29.86 18.29
N LEU A 260 -10.33 -30.58 17.28
CA LEU A 260 -11.04 -30.68 15.98
C LEU A 260 -12.44 -31.25 16.20
N ARG A 261 -13.45 -30.63 15.58
CA ARG A 261 -14.83 -31.15 15.61
C ARG A 261 -15.24 -31.71 14.24
N CYS A 262 -14.68 -31.20 13.14
CA CYS A 262 -15.22 -31.46 11.79
C CYS A 262 -14.17 -32.13 10.89
N TYR A 263 -13.05 -31.47 10.66
CA TYR A 263 -12.02 -31.91 9.68
C TYR A 263 -11.59 -33.36 9.97
N GLY A 264 -11.92 -34.28 9.07
CA GLY A 264 -11.46 -35.68 9.13
C GLY A 264 -12.24 -36.53 10.12
N MET A 265 -13.30 -36.01 10.72
CA MET A 265 -13.93 -36.66 11.89
C MET A 265 -14.97 -37.70 11.45
N PRO A 266 -15.05 -38.84 12.13
CA PRO A 266 -16.05 -39.84 11.80
C PRO A 266 -17.42 -39.18 11.85
N GLY A 267 -18.32 -39.57 10.95
CA GLY A 267 -19.70 -39.07 10.86
C GLY A 267 -19.85 -37.84 9.99
N MET A 268 -18.74 -37.27 9.51
CA MET A 268 -18.77 -36.03 8.69
C MET A 268 -18.64 -36.39 7.21
N SER A 269 -19.33 -35.65 6.36
CA SER A 269 -19.21 -35.74 4.88
C SER A 269 -17.93 -35.01 4.47
N SER A 270 -17.54 -35.20 3.22
CA SER A 270 -16.45 -34.49 2.52
C SER A 270 -16.78 -34.42 1.04
N LEU A 271 -16.47 -33.29 0.38
CA LEU A 271 -16.42 -33.19 -1.09
C LEU A 271 -15.09 -32.55 -1.54
N GLN A 272 -14.84 -32.61 -2.83
CA GLN A 272 -13.76 -31.88 -3.53
C GLN A 272 -14.32 -30.52 -3.95
N ASP A 273 -13.63 -29.43 -3.61
CA ASP A 273 -13.95 -28.09 -4.17
C ASP A 273 -13.39 -28.05 -5.58
N ARG A 274 -13.54 -26.94 -6.31
CA ARG A 274 -13.30 -26.95 -7.77
C ARG A 274 -11.78 -27.03 -8.03
N HIS A 275 -10.94 -26.79 -7.02
CA HIS A 275 -9.46 -26.86 -7.13
C HIS A 275 -8.97 -28.19 -6.53
N GLY A 276 -9.86 -29.15 -6.27
CA GLY A 276 -9.48 -30.51 -5.87
C GLY A 276 -9.12 -30.63 -4.39
N ARG A 277 -9.32 -29.57 -3.59
CA ARG A 277 -9.08 -29.58 -2.12
C ARG A 277 -10.32 -30.07 -1.36
N THR A 278 -10.13 -30.97 -0.38
CA THR A 278 -11.23 -31.65 0.33
C THR A 278 -11.82 -30.72 1.39
N ILE A 279 -13.14 -30.50 1.36
CA ILE A 279 -13.88 -29.71 2.40
C ILE A 279 -14.69 -30.69 3.24
N TRP A 280 -14.51 -30.67 4.56
CA TRP A 280 -15.31 -31.43 5.57
C TRP A 280 -16.46 -30.58 6.10
N PHE A 281 -17.59 -31.21 6.40
CA PHE A 281 -18.85 -30.53 6.83
C PHE A 281 -19.85 -31.58 7.35
N GLN A 282 -20.91 -31.08 8.01
CA GLN A 282 -22.04 -31.87 8.56
C GLN A 282 -23.31 -31.45 7.83
N GLY A 283 -24.13 -32.40 7.46
CA GLY A 283 -25.41 -32.11 6.82
C GLY A 283 -25.26 -31.52 5.44
N ASP A 284 -25.96 -30.44 5.18
CA ASP A 284 -26.35 -30.00 3.83
C ASP A 284 -25.09 -29.49 3.16
N PRO A 285 -24.75 -30.03 1.98
CA PRO A 285 -23.60 -29.56 1.22
C PRO A 285 -23.75 -28.11 0.74
N GLY A 286 -24.94 -27.71 0.32
CA GLY A 286 -25.20 -26.32 -0.09
C GLY A 286 -25.54 -26.25 -1.58
N PRO A 287 -26.09 -25.12 -2.03
CA PRO A 287 -26.60 -25.00 -3.40
C PRO A 287 -25.57 -25.21 -4.52
N LEU A 288 -24.29 -24.83 -4.37
CA LEU A 288 -23.31 -24.86 -5.49
C LEU A 288 -22.42 -26.11 -5.47
N ALA A 289 -22.93 -27.23 -4.98
CA ALA A 289 -22.18 -28.50 -4.84
C ALA A 289 -22.00 -29.08 -6.23
N PRO A 290 -20.87 -29.77 -6.52
CA PRO A 290 -20.60 -30.22 -7.88
C PRO A 290 -21.69 -31.13 -8.46
P QBT B 7 -4.81 -30.79 3.74
O1P QBT B 7 -5.93 -30.43 4.67
O2P QBT B 7 -5.03 -30.79 2.24
O5' QBT B 7 -3.65 -29.75 3.83
C5' QBT B 7 -2.90 -29.64 5.03
C4' QBT B 7 -2.98 -28.21 5.53
O4' QBT B 7 -2.60 -28.21 6.89
C3' QBT B 7 -2.07 -27.23 4.88
O3' QBT B 7 -2.64 -25.96 5.11
C2' QBT B 7 -0.87 -27.30 5.75
C1' QBT B 7 -1.48 -27.40 7.12
N1 QBT B 7 -0.67 -28.07 8.15
C2 QBT B 7 -0.90 -27.77 9.45
O2 QBT B 7 -1.58 -26.81 9.80
N3 QBT B 7 -0.33 -28.50 10.37
C4 QBT B 7 0.56 -29.44 10.10
O4 QBT B 7 0.94 -30.11 11.03
C5 QBT B 7 1.12 -29.67 8.71
C6 QBT B 7 0.25 -29.03 7.62
C5M QBT B 7 1.34 -31.12 8.33
N GLY D 2 -0.40 13.78 20.71
CA GLY D 2 -1.04 12.50 20.90
C GLY D 2 -0.08 11.37 21.22
N GLN D 3 -0.68 10.19 21.37
CA GLN D 3 -0.02 8.92 21.68
C GLN D 3 -0.22 8.06 20.45
N GLY D 4 0.16 6.80 20.52
CA GLY D 4 0.12 5.94 19.33
C GLY D 4 -1.23 6.03 18.62
N PRO D 5 -2.37 5.94 19.33
CA PRO D 5 -3.66 5.95 18.67
C PRO D 5 -3.89 7.23 17.85
N GLU D 6 -3.52 8.37 18.43
CA GLU D 6 -3.76 9.71 17.82
C GLU D 6 -2.89 9.82 16.55
N LEU D 7 -1.60 9.47 16.66
CA LEU D 7 -0.66 9.48 15.51
C LEU D 7 -1.19 8.52 14.43
N HIS D 8 -1.66 7.34 14.80
CA HIS D 8 -2.14 6.35 13.83
C HIS D 8 -3.38 6.90 13.10
N LEU D 9 -4.32 7.45 13.86
CA LEU D 9 -5.59 8.02 13.33
C LEU D 9 -5.29 9.23 12.44
N ALA D 10 -4.33 10.06 12.84
CA ALA D 10 -3.86 11.20 12.04
C ALA D 10 -3.33 10.69 10.69
N SER D 11 -2.54 9.61 10.67
CA SER D 11 -1.95 9.08 9.42
C SER D 11 -3.11 8.55 8.54
N GLN D 12 -4.11 7.91 9.14
CA GLN D 12 -5.32 7.47 8.40
C GLN D 12 -6.01 8.67 7.77
N PHE D 13 -6.10 9.76 8.53
CA PHE D 13 -6.82 10.99 8.11
C PHE D 13 -6.11 11.60 6.90
N VAL D 14 -4.81 11.85 7.01
CA VAL D 14 -4.03 12.39 5.87
C VAL D 14 -4.23 11.51 4.63
N ASN D 15 -4.22 10.20 4.77
CA ASN D 15 -4.25 9.30 3.57
C ASN D 15 -5.64 9.33 2.92
N GLU D 16 -6.73 9.33 3.70
CA GLU D 16 -8.12 9.39 3.18
C GLU D 16 -8.36 10.75 2.53
N ALA D 17 -8.08 11.82 3.29
CA ALA D 17 -8.30 13.23 2.90
C ALA D 17 -7.55 13.54 1.60
N CYS D 18 -6.32 13.05 1.45
CA CYS D 18 -5.37 13.50 0.41
C CYS D 18 -5.36 12.53 -0.76
N ARG D 19 -6.03 11.38 -0.62
CA ARG D 19 -6.09 10.28 -1.63
C ARG D 19 -6.26 10.87 -3.03
N ALA D 20 -7.27 11.71 -3.22
CA ALA D 20 -7.66 12.21 -4.56
C ALA D 20 -7.32 13.70 -4.71
N LEU D 21 -6.38 14.22 -3.93
CA LEU D 21 -5.98 15.65 -4.04
C LEU D 21 -4.61 15.72 -4.67
N VAL D 22 -4.34 16.85 -5.34
CA VAL D 22 -3.00 17.18 -5.87
C VAL D 22 -2.55 18.51 -5.26
N PHE D 23 -1.39 18.49 -4.62
CA PHE D 23 -0.73 19.67 -4.03
C PHE D 23 0.22 20.24 -5.09
N GLY D 24 0.44 21.53 -4.99
CA GLY D 24 1.40 22.27 -5.83
C GLY D 24 1.91 23.48 -5.09
N GLY D 25 3.10 23.94 -5.45
CA GLY D 25 3.70 25.16 -4.88
C GLY D 25 4.66 24.80 -3.79
N CYS D 26 4.81 25.71 -2.83
CA CYS D 26 5.72 25.59 -1.68
C CYS D 26 5.00 24.95 -0.50
N VAL D 27 5.79 24.57 0.47
CA VAL D 27 5.30 24.19 1.81
C VAL D 27 5.58 25.38 2.72
N GLU D 28 4.51 26.04 3.15
CA GLU D 28 4.53 27.28 3.95
C GLU D 28 4.62 26.91 5.43
N LYS D 29 5.53 27.56 6.14
CA LYS D 29 5.63 27.52 7.61
C LYS D 29 5.13 28.84 8.21
N SER D 30 4.32 28.79 9.26
CA SER D 30 3.98 29.98 10.08
C SER D 30 5.25 30.71 10.52
N SER D 31 5.08 32.01 10.76
CA SER D 31 6.16 32.91 11.21
C SER D 31 6.69 32.51 12.59
N VAL D 32 5.83 32.04 13.50
CA VAL D 32 6.28 31.78 14.90
C VAL D 32 7.05 30.45 15.01
N SER D 33 6.86 29.49 14.10
CA SER D 33 7.40 28.10 14.23
C SER D 33 8.92 28.08 14.11
N ARG D 34 9.59 27.49 15.09
CA ARG D 34 11.06 27.34 15.17
C ARG D 34 11.51 26.04 14.48
N ASN D 35 10.60 25.19 14.03
CA ASN D 35 10.95 24.04 13.16
C ASN D 35 11.42 24.53 11.79
N PRO D 36 12.05 23.65 10.97
CA PRO D 36 12.72 24.05 9.74
C PRO D 36 11.78 24.32 8.55
N GLU D 37 12.16 25.30 7.71
CA GLU D 37 11.58 25.50 6.37
C GLU D 37 11.72 24.15 5.65
N VAL D 38 10.64 23.72 5.01
CA VAL D 38 10.61 22.48 4.19
C VAL D 38 11.01 22.91 2.78
N PRO D 39 12.25 22.59 2.35
CA PRO D 39 12.76 23.10 1.09
C PRO D 39 12.15 22.19 0.02
N PHE D 40 10.97 22.55 -0.49
CA PHE D 40 10.21 21.68 -1.41
C PHE D 40 9.20 22.51 -2.20
N GLU D 41 9.35 22.47 -3.51
CA GLU D 41 8.40 23.09 -4.43
C GLU D 41 8.17 22.12 -5.59
N SER D 42 6.90 21.77 -5.85
CA SER D 42 6.46 21.01 -7.05
C SER D 42 5.14 21.57 -7.57
N SER D 43 5.02 21.68 -8.91
CA SER D 43 3.81 22.10 -9.65
C SER D 43 2.65 21.11 -9.37
N ALA D 44 2.97 19.87 -9.00
CA ALA D 44 2.01 18.76 -8.81
C ALA D 44 2.63 17.68 -7.93
N TYR D 45 2.09 17.43 -6.73
CA TYR D 45 2.59 16.36 -5.83
C TYR D 45 1.46 15.79 -4.97
N ARG D 46 1.63 14.52 -4.60
CA ARG D 46 0.71 13.79 -3.72
C ARG D 46 1.35 13.65 -2.33
N ILE D 47 0.52 13.68 -1.29
CA ILE D 47 0.92 13.53 0.13
C ILE D 47 0.37 12.20 0.65
N SER D 48 1.23 11.40 1.27
CA SER D 48 0.81 10.16 1.99
C SER D 48 1.45 10.16 3.38
N ALA D 49 0.91 9.35 4.27
CA ALA D 49 1.35 9.27 5.67
C ALA D 49 1.40 7.80 6.09
N SER D 50 2.29 7.49 7.01
CA SER D 50 2.25 6.27 7.83
C SER D 50 2.62 6.69 9.24
N ALA D 51 2.23 5.91 10.25
CA ALA D 51 2.56 6.16 11.66
C ALA D 51 3.41 5.01 12.17
N ARG D 52 4.27 5.33 13.12
CA ARG D 52 5.07 4.34 13.87
C ARG D 52 5.25 4.88 15.27
N GLY D 53 4.51 4.30 16.21
CA GLY D 53 4.61 4.71 17.61
C GLY D 53 4.12 6.13 17.71
N LYS D 54 4.96 7.02 18.22
CA LYS D 54 4.56 8.41 18.50
C LYS D 54 5.08 9.35 17.42
N GLU D 55 5.34 8.83 16.23
CA GLU D 55 5.84 9.62 15.06
C GLU D 55 4.95 9.35 13.87
N LEU D 56 4.81 10.32 13.00
CA LEU D 56 4.06 10.20 11.73
C LEU D 56 5.02 10.63 10.62
N ARG D 57 5.07 9.89 9.51
CA ARG D 57 5.92 10.23 8.36
C ARG D 57 5.04 10.69 7.20
N LEU D 58 5.27 11.91 6.69
CA LEU D 58 4.60 12.39 5.43
C LEU D 58 5.59 12.15 4.29
N ILE D 59 5.10 11.66 3.17
CA ILE D 59 5.92 11.63 1.92
C ILE D 59 5.29 12.60 0.93
N LEU D 60 6.08 13.58 0.52
CA LEU D 60 5.75 14.53 -0.58
C LEU D 60 6.28 13.92 -1.88
N SER D 61 5.40 13.56 -2.81
CA SER D 61 5.73 12.74 -4.00
C SER D 61 5.27 13.42 -5.28
N PRO D 62 6.15 14.16 -5.99
CA PRO D 62 5.80 14.87 -7.21
C PRO D 62 5.23 13.87 -8.23
N LEU D 63 4.30 14.30 -9.07
CA LEU D 63 3.84 13.49 -10.21
C LEU D 63 5.00 13.37 -11.20
N PRO D 64 5.05 12.27 -11.99
CA PRO D 64 5.91 12.22 -13.15
C PRO D 64 5.57 13.49 -13.93
N GLY D 65 6.60 14.27 -14.27
CA GLY D 65 6.49 15.46 -15.15
C GLY D 65 6.47 16.75 -14.36
N ALA D 66 6.16 16.66 -13.09
CA ALA D 66 6.07 17.82 -12.23
C ALA D 66 7.36 18.57 -12.33
N GLN D 67 7.26 19.88 -12.16
CA GLN D 67 8.44 20.70 -12.26
C GLN D 67 8.64 21.50 -11.00
N PRO D 68 9.85 21.51 -10.48
CA PRO D 68 11.11 20.98 -11.00
C PRO D 68 11.23 19.49 -10.78
N GLN D 69 12.14 18.86 -11.49
CA GLN D 69 12.30 17.44 -11.31
C GLN D 69 12.78 17.29 -9.91
N GLN D 70 12.10 16.41 -9.18
CA GLN D 70 12.44 16.23 -7.80
C GLN D 70 12.21 14.83 -7.34
N GLU D 71 12.97 14.45 -6.33
CA GLU D 71 12.78 13.17 -5.73
C GLU D 71 11.86 13.41 -4.58
N PRO D 72 10.97 12.49 -4.32
CA PRO D 72 10.05 12.59 -3.20
C PRO D 72 10.83 13.02 -1.94
N LEU D 73 10.18 13.78 -1.06
CA LEU D 73 10.75 14.28 0.21
C LEU D 73 9.94 13.72 1.37
N ALA D 74 10.65 13.20 2.37
CA ALA D 74 10.02 12.63 3.59
C ALA D 74 10.23 13.59 4.76
N LEU D 75 9.20 13.76 5.58
CA LEU D 75 9.18 14.54 6.83
C LEU D 75 8.69 13.62 7.94
N VAL D 76 9.34 13.62 9.07
CA VAL D 76 8.78 12.91 10.24
C VAL D 76 8.32 13.99 11.24
N PHE D 77 7.12 13.83 11.77
CA PHE D 77 6.46 14.69 12.78
C PHE D 77 6.35 13.98 14.14
N ARG D 78 6.65 14.68 15.22
CA ARG D 78 6.24 14.35 16.60
C ARG D 78 5.28 15.45 17.09
N PHE D 79 4.17 15.07 17.70
CA PHE D 79 3.01 15.95 17.94
C PHE D 79 3.18 16.74 19.22
N GLY D 80 4.10 16.34 20.09
CA GLY D 80 4.10 16.93 21.44
C GLY D 80 2.71 16.84 22.07
N MET D 81 2.34 17.85 22.83
CA MET D 81 1.16 17.86 23.72
C MET D 81 -0.13 18.09 22.92
N SER D 82 -0.08 18.73 21.73
CA SER D 82 -1.26 19.30 21.03
C SER D 82 -1.15 19.22 19.50
N GLY D 83 -0.23 18.46 18.95
CA GLY D 83 -0.14 18.32 17.48
C GLY D 83 -1.37 17.63 16.89
N SER D 84 -1.69 17.96 15.64
CA SER D 84 -2.76 17.34 14.83
C SER D 84 -2.61 17.75 13.36
N PHE D 85 -3.43 17.18 12.49
CA PHE D 85 -3.53 17.53 11.05
C PHE D 85 -4.99 17.89 10.75
N GLN D 86 -5.19 18.87 9.89
CA GLN D 86 -6.52 19.35 9.45
C GLN D 86 -6.45 19.67 7.97
N LEU D 87 -7.54 19.38 7.25
CA LEU D 87 -7.77 19.78 5.84
C LEU D 87 -8.82 20.88 5.87
N VAL D 88 -8.41 22.12 5.61
CA VAL D 88 -9.29 23.31 5.68
C VAL D 88 -9.33 24.04 4.33
N PRO D 89 -10.33 24.89 4.10
CA PRO D 89 -10.27 25.88 3.02
C PRO D 89 -9.01 26.75 3.13
N ARG D 90 -8.36 27.01 1.99
CA ARG D 90 -7.09 27.78 1.83
C ARG D 90 -7.12 29.10 2.61
N GLU D 91 -8.27 29.78 2.69
CA GLU D 91 -8.40 31.13 3.31
C GLU D 91 -9.17 31.05 4.64
N GLU D 92 -9.15 29.90 5.32
CA GLU D 92 -9.71 29.71 6.68
C GLU D 92 -8.78 28.79 7.49
N LEU D 93 -7.47 29.11 7.49
CA LEU D 93 -6.44 28.44 8.33
C LEU D 93 -6.83 28.56 9.79
N PRO D 94 -6.81 27.49 10.59
CA PRO D 94 -6.92 27.61 12.04
C PRO D 94 -5.78 28.47 12.64
N ARG D 95 -6.02 28.97 13.84
CA ARG D 95 -4.94 29.48 14.71
C ARG D 95 -3.99 28.28 14.95
N HIS D 96 -2.70 28.55 14.84
CA HIS D 96 -1.63 27.57 15.13
C HIS D 96 -1.45 26.56 13.99
N ALA D 97 -1.93 26.84 12.79
CA ALA D 97 -1.50 26.10 11.59
C ALA D 97 -0.04 26.47 11.31
N HIS D 98 0.91 25.67 11.76
CA HIS D 98 2.36 25.98 11.69
C HIS D 98 3.01 25.45 10.40
N LEU D 99 2.36 24.52 9.71
CA LEU D 99 2.88 24.05 8.39
C LEU D 99 1.69 23.68 7.51
N ARG D 100 1.69 24.19 6.28
CA ARG D 100 0.56 24.08 5.32
C ARG D 100 1.07 23.60 3.95
N PHE D 101 0.30 22.70 3.35
CA PHE D 101 0.46 22.19 1.97
C PHE D 101 -0.79 22.56 1.18
N TYR D 102 -0.62 23.21 0.02
CA TYR D 102 -1.74 23.83 -0.71
C TYR D 102 -2.10 23.01 -1.96
N THR D 103 -3.37 22.62 -2.09
CA THR D 103 -3.88 21.91 -3.29
C THR D 103 -3.58 22.79 -4.51
N ALA D 104 -3.23 22.15 -5.60
CA ALA D 104 -2.90 22.85 -6.81
C ALA D 104 -4.14 23.23 -7.54
N PRO D 105 -3.99 24.13 -8.50
CA PRO D 105 -5.04 24.65 -9.35
C PRO D 105 -5.37 23.62 -10.39
N PRO D 106 -6.57 23.72 -10.95
CA PRO D 106 -7.63 24.25 -10.11
C PRO D 106 -8.35 23.18 -9.36
N GLY D 107 -9.45 23.59 -8.75
CA GLY D 107 -10.28 22.75 -7.94
C GLY D 107 -10.48 23.46 -6.62
N PRO D 108 -11.56 23.13 -5.90
CA PRO D 108 -11.63 23.87 -4.63
C PRO D 108 -10.33 23.89 -3.80
N ARG D 109 -9.88 25.09 -3.43
CA ARG D 109 -8.52 25.41 -2.95
C ARG D 109 -8.45 25.04 -1.48
N LEU D 110 -7.60 24.08 -1.13
CA LEU D 110 -7.60 23.50 0.23
C LEU D 110 -6.19 23.58 0.80
N ALA D 111 -6.08 23.40 2.12
CA ALA D 111 -4.79 23.40 2.85
C ALA D 111 -4.77 22.24 3.84
N LEU D 112 -3.75 21.38 3.74
CA LEU D 112 -3.43 20.40 4.80
C LEU D 112 -2.55 21.11 5.81
N CYS D 113 -2.96 21.19 7.06
CA CYS D 113 -2.22 21.95 8.09
C CYS D 113 -1.80 21.04 9.25
N PHE D 114 -0.53 21.10 9.63
CA PHE D 114 -0.07 20.64 10.96
C PHE D 114 -0.42 21.73 11.98
N VAL D 115 -1.34 21.44 12.89
CA VAL D 115 -1.88 22.40 13.89
C VAL D 115 -1.39 21.96 15.26
N ASP D 116 -0.71 22.87 15.96
CA ASP D 116 0.02 22.56 17.22
C ASP D 116 -0.05 23.79 18.11
N ILE D 117 -1.14 23.91 18.89
CA ILE D 117 -1.40 25.03 19.83
C ILE D 117 -0.11 25.34 20.61
N ARG D 118 0.46 24.37 21.30
CA ARG D 118 1.51 24.67 22.30
C ARG D 118 2.91 24.65 21.65
N ARG D 119 3.03 24.11 20.44
CA ARG D 119 4.28 24.17 19.63
C ARG D 119 5.37 23.30 20.25
N PHE D 120 5.01 22.27 21.00
CA PHE D 120 5.94 21.24 21.49
C PHE D 120 6.23 20.24 20.36
N GLY D 121 5.31 20.11 19.41
CA GLY D 121 5.57 19.28 18.23
C GLY D 121 6.77 19.77 17.45
N ARG D 122 7.43 18.87 16.75
CA ARG D 122 8.64 19.12 15.92
C ARG D 122 8.51 18.33 14.62
N TRP D 123 9.18 18.78 13.58
CA TRP D 123 9.34 17.95 12.36
C TRP D 123 10.80 18.02 11.91
N ASP D 124 11.27 16.95 11.28
CA ASP D 124 12.66 16.81 10.78
C ASP D 124 12.62 16.52 9.27
N LEU D 125 13.56 17.10 8.55
CA LEU D 125 13.71 16.83 7.10
C LEU D 125 14.31 15.42 6.98
N GLY D 126 13.90 14.65 5.99
CA GLY D 126 14.35 13.25 5.89
C GLY D 126 13.36 12.36 6.59
N GLY D 127 13.24 11.12 6.13
CA GLY D 127 12.10 10.28 6.50
C GLY D 127 12.40 9.30 7.62
N LYS D 128 13.58 9.34 8.21
CA LYS D 128 14.02 8.27 9.15
C LYS D 128 13.24 8.39 10.46
N TRP D 129 12.74 7.27 10.97
CA TRP D 129 12.22 7.16 12.35
C TRP D 129 13.37 7.47 13.30
N GLN D 130 13.00 7.92 14.48
CA GLN D 130 13.98 8.39 15.45
C GLN D 130 14.80 7.19 15.86
N PRO D 131 16.13 7.22 15.62
CA PRO D 131 16.97 6.10 16.03
C PRO D 131 16.77 5.97 17.54
N GLY D 132 16.63 4.75 18.03
CA GLY D 132 16.51 4.56 19.48
C GLY D 132 15.07 4.33 19.89
N ARG D 133 14.07 4.81 19.15
CA ARG D 133 12.68 4.40 19.44
C ARG D 133 12.57 2.91 19.10
N GLY D 134 12.00 2.15 20.02
CA GLY D 134 11.58 0.76 19.81
C GLY D 134 10.47 0.66 18.78
N PRO D 135 10.00 -0.58 18.49
CA PRO D 135 8.96 -0.81 17.51
C PRO D 135 7.56 -0.38 18.00
N CYS D 136 6.69 -0.06 17.06
CA CYS D 136 5.33 0.49 17.32
C CYS D 136 4.50 -0.57 18.05
N VAL D 137 3.94 -0.20 19.20
CA VAL D 137 3.10 -1.13 19.99
C VAL D 137 1.86 -1.49 19.18
N LEU D 138 1.45 -0.64 18.23
CA LEU D 138 0.24 -0.96 17.41
C LEU D 138 0.60 -1.85 16.24
N GLN D 139 1.55 -1.43 15.43
CA GLN D 139 1.77 -2.05 14.09
C GLN D 139 2.93 -3.05 14.13
N GLU D 140 3.75 -3.11 15.18
CA GLU D 140 4.91 -4.03 15.24
C GLU D 140 4.87 -4.80 16.56
N TYR D 141 3.70 -5.28 16.95
CA TYR D 141 3.48 -5.88 18.31
C TYR D 141 4.55 -6.93 18.62
N GLN D 142 4.73 -7.93 17.76
CA GLN D 142 5.62 -9.07 18.11
C GLN D 142 7.05 -8.54 18.21
N GLN D 143 7.48 -7.66 17.32
CA GLN D 143 8.83 -7.07 17.39
C GLN D 143 8.96 -6.28 18.70
N PHE D 144 7.96 -5.46 19.03
CA PHE D 144 7.93 -4.66 20.28
C PHE D 144 8.06 -5.57 21.49
N ARG D 145 7.31 -6.69 21.50
CA ARG D 145 7.19 -7.59 22.68
C ARG D 145 8.55 -8.22 22.93
N GLU D 146 9.17 -8.73 21.87
CA GLU D 146 10.49 -9.42 21.93
C GLU D 146 11.52 -8.39 22.37
N ASN D 147 11.48 -7.17 21.83
CA ASN D 147 12.45 -6.10 22.14
C ASN D 147 12.41 -5.78 23.64
N VAL D 148 11.28 -5.93 24.32
CA VAL D 148 11.24 -5.77 25.79
C VAL D 148 11.80 -7.04 26.47
N LEU D 149 11.23 -8.21 26.20
CA LEU D 149 11.58 -9.45 26.96
C LEU D 149 13.04 -9.83 26.78
N ARG D 150 13.64 -9.44 25.67
CA ARG D 150 15.03 -9.79 25.28
C ARG D 150 15.98 -8.83 25.97
N ASN D 151 15.55 -7.66 26.48
CA ASN D 151 16.49 -6.63 27.03
C ASN D 151 16.07 -6.17 28.44
N LEU D 152 15.60 -7.07 29.31
CA LEU D 152 15.17 -6.69 30.68
C LEU D 152 16.37 -6.27 31.53
N ALA D 153 17.62 -6.56 31.14
CA ALA D 153 18.84 -6.23 31.93
C ALA D 153 19.09 -4.71 31.85
N ASP D 154 18.64 -4.08 30.77
CA ASP D 154 18.78 -2.62 30.52
C ASP D 154 18.33 -1.85 31.77
N LYS D 155 18.99 -0.72 32.05
CA LYS D 155 18.77 0.06 33.29
C LYS D 155 17.36 0.69 33.24
N ALA D 156 16.76 0.77 32.05
CA ALA D 156 15.40 1.33 31.87
C ALA D 156 14.42 0.59 32.79
N PHE D 157 14.60 -0.72 33.01
CA PHE D 157 13.64 -1.56 33.77
C PHE D 157 13.96 -1.54 35.26
N ASP D 158 15.03 -0.84 35.68
CA ASP D 158 15.30 -0.51 37.11
C ASP D 158 14.18 0.41 37.62
N ARG D 159 13.63 1.26 36.75
CA ARG D 159 12.69 2.33 37.14
C ARG D 159 11.33 1.70 37.46
N PRO D 160 10.44 2.41 38.16
CA PRO D 160 9.06 1.97 38.35
C PRO D 160 8.40 1.66 37.00
N ILE D 161 7.40 0.78 37.02
CA ILE D 161 6.74 0.30 35.77
C ILE D 161 6.05 1.49 35.11
N CYS D 162 5.40 2.37 35.88
CA CYS D 162 4.63 3.51 35.30
C CYS D 162 5.59 4.45 34.56
N GLU D 163 6.85 4.57 35.01
CA GLU D 163 7.88 5.39 34.31
C GLU D 163 8.38 4.62 33.08
N ALA D 164 8.70 3.34 33.24
CA ALA D 164 9.23 2.51 32.13
C ALA D 164 8.26 2.53 30.96
N LEU D 165 6.94 2.58 31.22
CA LEU D 165 5.91 2.52 30.16
C LEU D 165 5.99 3.75 29.24
N LEU D 166 6.63 4.85 29.67
CA LEU D 166 6.80 6.10 28.86
C LEU D 166 8.14 6.11 28.11
N ASP D 167 9.06 5.19 28.41
CA ASP D 167 10.39 5.11 27.77
C ASP D 167 10.24 4.65 26.31
N GLN D 168 10.42 5.53 25.33
CA GLN D 168 9.98 5.27 23.94
C GLN D 168 10.99 4.31 23.25
N ARG D 169 12.08 3.98 23.93
CA ARG D 169 13.03 2.96 23.41
C ARG D 169 12.42 1.56 23.46
N PHE D 170 11.43 1.37 24.35
CA PHE D 170 10.78 0.05 24.59
C PHE D 170 9.27 0.10 24.39
N PHE D 171 8.62 1.24 24.58
CA PHE D 171 7.15 1.38 24.47
C PHE D 171 6.78 2.55 23.55
N ASN D 172 7.37 2.54 22.36
CA ASN D 172 7.11 3.56 21.31
C ASN D 172 5.61 3.64 21.08
N GLY D 173 4.96 4.72 21.49
CA GLY D 173 3.50 4.90 21.31
C GLY D 173 2.76 5.07 22.63
N ILE D 174 3.34 4.62 23.75
CA ILE D 174 2.64 4.65 25.05
C ILE D 174 2.86 6.02 25.69
N GLY D 175 1.77 6.69 26.05
CA GLY D 175 1.77 7.95 26.80
C GLY D 175 0.95 7.86 28.06
N ASN D 176 0.75 9.02 28.68
CA ASN D 176 0.31 9.13 30.07
C ASN D 176 -1.03 8.41 30.28
N TYR D 177 -2.07 8.73 29.48
CA TYR D 177 -3.40 8.10 29.69
C TYR D 177 -3.24 6.61 29.45
N LEU D 178 -2.47 6.19 28.45
CA LEU D 178 -2.34 4.73 28.14
C LEU D 178 -1.70 4.00 29.31
N ARG D 179 -0.67 4.56 29.96
CA ARG D 179 0.00 3.84 31.09
C ARG D 179 -1.01 3.67 32.23
N ALA D 180 -1.79 4.69 32.55
CA ALA D 180 -2.85 4.59 33.58
C ALA D 180 -3.85 3.48 33.22
N GLU D 181 -4.41 3.52 32.00
CA GLU D 181 -5.51 2.62 31.59
C GLU D 181 -4.98 1.17 31.59
N ILE D 182 -3.71 0.99 31.20
CA ILE D 182 -3.10 -0.37 31.05
C ILE D 182 -2.86 -0.96 32.44
N LEU D 183 -2.24 -0.24 33.37
CA LEU D 183 -1.98 -0.76 34.74
C LEU D 183 -3.30 -1.00 35.50
N TYR D 184 -4.31 -0.15 35.32
CA TYR D 184 -5.62 -0.34 36.00
C TYR D 184 -6.31 -1.64 35.52
N ARG D 185 -6.16 -2.03 34.25
CA ARG D 185 -6.77 -3.27 33.70
C ARG D 185 -6.19 -4.50 34.43
N LEU D 186 -4.91 -4.48 34.81
CA LEU D 186 -4.25 -5.60 35.54
C LEU D 186 -4.09 -5.25 37.01
N LYS D 187 -4.62 -4.10 37.46
CA LYS D 187 -4.48 -3.67 38.86
C LYS D 187 -3.04 -3.91 39.32
N ILE D 188 -2.05 -3.52 38.51
CA ILE D 188 -0.61 -3.51 38.88
C ILE D 188 -0.33 -2.17 39.53
N PRO D 189 0.23 -2.13 40.75
CA PRO D 189 0.73 -0.88 41.31
C PRO D 189 1.71 -0.17 40.37
N PRO D 190 1.54 1.16 40.18
CA PRO D 190 2.38 1.92 39.26
C PRO D 190 3.84 2.05 39.67
N PHE D 191 4.13 1.89 40.96
CA PHE D 191 5.52 2.01 41.47
C PHE D 191 6.05 0.64 41.90
N GLU D 192 5.44 -0.42 41.38
CA GLU D 192 6.11 -1.73 41.30
C GLU D 192 7.31 -1.55 40.35
N LYS D 193 8.41 -2.27 40.54
CA LYS D 193 9.61 -2.18 39.66
C LYS D 193 9.31 -2.88 38.32
N ALA D 194 9.63 -2.25 37.21
CA ALA D 194 9.31 -2.76 35.85
C ALA D 194 9.88 -4.18 35.69
N ARG D 195 11.15 -4.40 36.05
CA ARG D 195 11.78 -5.74 35.87
C ARG D 195 11.00 -6.81 36.66
N SER D 196 10.54 -6.52 37.87
CA SER D 196 9.76 -7.48 38.71
C SER D 196 8.47 -7.90 37.97
N VAL D 197 7.80 -6.96 37.30
CA VAL D 197 6.45 -7.19 36.69
C VAL D 197 6.63 -7.94 35.38
N LEU D 198 7.75 -7.69 34.70
CA LEU D 198 8.02 -8.17 33.33
C LEU D 198 8.77 -9.51 33.37
N GLU D 199 9.67 -9.69 34.33
CA GLU D 199 10.41 -10.94 34.45
C GLU D 199 9.44 -12.07 34.65
N ALA D 200 8.28 -11.77 35.19
CA ALA D 200 7.24 -12.74 35.41
C ALA D 200 6.27 -12.74 34.24
N LEU D 201 6.80 -13.01 33.05
CA LEU D 201 6.09 -13.00 31.79
C LEU D 201 6.87 -13.83 30.78
N GLN D 202 8.07 -14.25 31.13
CA GLN D 202 8.89 -15.03 30.23
C GLN D 202 8.26 -16.35 29.80
N ASN D 222 -5.93 -14.57 30.85
CA ASN D 222 -4.77 -13.77 31.32
C ASN D 222 -4.08 -13.20 30.08
N PRO D 223 -4.60 -12.12 29.44
CA PRO D 223 -3.80 -11.25 28.57
C PRO D 223 -2.90 -10.37 29.45
N ASP D 224 -1.58 -10.44 29.25
CA ASP D 224 -0.56 -9.89 30.18
C ASP D 224 -0.26 -8.41 29.84
N LEU D 225 0.65 -7.79 30.57
CA LEU D 225 0.97 -6.35 30.47
C LEU D 225 1.49 -5.97 29.08
N LEU D 226 2.39 -6.75 28.50
CA LEU D 226 2.90 -6.41 27.14
C LEU D 226 1.77 -6.56 26.11
N GLU D 227 0.84 -7.48 26.28
CA GLU D 227 -0.25 -7.61 25.30
C GLU D 227 -1.19 -6.40 25.39
N LEU D 228 -1.47 -5.94 26.61
CA LEU D 228 -2.31 -4.73 26.83
C LEU D 228 -1.60 -3.49 26.25
N CYS D 229 -0.27 -3.47 26.19
CA CYS D 229 0.47 -2.34 25.55
C CYS D 229 0.04 -2.19 24.09
N HIS D 230 -0.45 -3.28 23.50
CA HIS D 230 -0.94 -3.31 22.11
C HIS D 230 -2.47 -3.19 22.14
N SER D 231 -3.16 -4.09 22.85
CA SER D 231 -4.63 -4.23 22.76
C SER D 231 -5.34 -2.96 23.28
N VAL D 232 -4.81 -2.30 24.29
CA VAL D 232 -5.48 -1.10 24.89
C VAL D 232 -5.44 0.06 23.89
N PRO D 233 -4.26 0.45 23.35
CA PRO D 233 -4.23 1.43 22.28
C PRO D 233 -5.11 1.04 21.07
N LYS D 234 -5.13 -0.23 20.72
CA LYS D 234 -5.93 -0.66 19.56
C LYS D 234 -7.40 -0.32 19.87
N GLU D 235 -7.82 -0.42 21.12
CA GLU D 235 -9.20 -0.10 21.54
C GLU D 235 -9.48 1.36 21.19
N VAL D 236 -8.53 2.24 21.50
CA VAL D 236 -8.69 3.70 21.26
C VAL D 236 -8.88 3.91 19.76
N VAL D 237 -8.09 3.22 18.93
CA VAL D 237 -8.15 3.36 17.44
C VAL D 237 -9.56 3.00 16.96
N GLN D 238 -10.15 1.96 17.52
CA GLN D 238 -11.48 1.46 17.12
C GLN D 238 -12.57 2.49 17.42
N LEU D 239 -12.42 3.31 18.46
CA LEU D 239 -13.38 4.39 18.76
C LEU D 239 -13.51 5.31 17.54
N GLY D 240 -12.40 5.46 16.83
CA GLY D 240 -12.29 6.32 15.63
C GLY D 240 -12.03 7.74 16.08
N GLY D 241 -12.28 8.67 15.17
CA GLY D 241 -12.51 10.10 15.46
C GLY D 241 -11.29 10.78 16.09
N LYS D 242 -11.53 11.60 17.12
CA LYS D 242 -10.65 12.68 17.65
C LYS D 242 -10.48 13.78 16.56
N GLY D 243 -11.58 14.17 15.87
CA GLY D 243 -11.58 15.11 14.73
C GLY D 243 -11.02 14.49 13.45
N TYR D 244 -11.23 13.18 13.27
CA TYR D 244 -10.60 12.34 12.21
C TYR D 244 -11.67 11.38 11.66
N GLY D 249 -16.72 16.18 15.14
CA GLY D 249 -15.75 15.49 16.01
C GLY D 249 -15.96 15.79 17.49
N GLU D 250 -17.22 15.91 17.94
CA GLU D 250 -17.59 16.24 19.35
C GLU D 250 -18.04 14.96 20.05
N GLU D 251 -18.82 14.10 19.37
CA GLU D 251 -19.31 12.79 19.90
C GLU D 251 -18.14 11.80 20.05
N ASP D 252 -17.18 11.81 19.12
CA ASP D 252 -15.92 11.00 19.18
C ASP D 252 -15.21 11.28 20.51
N PHE D 253 -15.21 12.54 20.95
CA PHE D 253 -14.60 13.01 22.22
C PHE D 253 -15.36 12.42 23.42
N ALA D 254 -16.69 12.39 23.35
CA ALA D 254 -17.58 11.82 24.40
C ALA D 254 -17.31 10.32 24.53
N ALA D 255 -17.13 9.63 23.39
CA ALA D 255 -16.81 8.18 23.32
C ALA D 255 -15.51 7.90 24.07
N PHE D 256 -14.47 8.71 23.85
CA PHE D 256 -13.16 8.53 24.51
C PHE D 256 -13.34 8.70 26.02
N ARG D 257 -14.10 9.69 26.46
CA ARG D 257 -14.30 9.97 27.91
C ARG D 257 -14.99 8.76 28.59
N ALA D 258 -15.99 8.18 27.91
CA ALA D 258 -16.77 6.99 28.38
C ALA D 258 -15.86 5.77 28.45
N TRP D 259 -14.92 5.64 27.49
CA TRP D 259 -13.98 4.51 27.38
C TRP D 259 -13.02 4.49 28.57
N LEU D 260 -12.55 5.67 29.01
CA LEU D 260 -11.58 5.79 30.13
C LEU D 260 -12.18 5.17 31.38
N ARG D 261 -11.41 4.34 32.07
CA ARG D 261 -11.78 3.75 33.38
C ARG D 261 -10.97 4.35 34.52
N CYS D 262 -9.75 4.80 34.27
CA CYS D 262 -8.80 5.20 35.35
C CYS D 262 -8.39 6.67 35.21
N TYR D 263 -7.76 7.04 34.10
CA TYR D 263 -7.14 8.37 33.88
C TYR D 263 -8.17 9.48 34.14
N GLY D 264 -7.99 10.24 35.23
CA GLY D 264 -8.81 11.43 35.56
C GLY D 264 -10.20 11.07 36.05
N MET D 265 -10.43 9.82 36.41
CA MET D 265 -11.77 9.35 36.81
C MET D 265 -12.01 9.58 38.30
N PRO D 266 -13.23 10.02 38.68
CA PRO D 266 -13.56 10.19 40.08
C PRO D 266 -13.26 8.87 40.82
N GLY D 267 -12.76 9.00 42.05
CA GLY D 267 -12.48 7.87 42.98
C GLY D 267 -11.12 7.24 42.75
N MET D 268 -10.31 7.79 41.84
CA MET D 268 -8.95 7.24 41.55
C MET D 268 -7.90 8.06 42.29
N SER D 269 -6.82 7.43 42.73
CA SER D 269 -5.63 8.12 43.29
C SER D 269 -4.80 8.67 42.13
N SER D 270 -3.84 9.55 42.42
CA SER D 270 -2.85 10.08 41.45
C SER D 270 -1.58 10.47 42.23
N LEU D 271 -0.41 10.21 41.67
CA LEU D 271 0.88 10.80 42.15
C LEU D 271 1.69 11.33 40.96
N GLN D 272 2.77 12.03 41.29
CA GLN D 272 3.81 12.50 40.35
C GLN D 272 4.89 11.42 40.31
N ASP D 273 5.27 10.98 39.11
CA ASP D 273 6.45 10.11 38.90
C ASP D 273 7.69 10.98 39.02
N ARG D 274 8.89 10.42 38.83
CA ARG D 274 10.14 11.14 39.17
C ARG D 274 10.38 12.24 38.15
N HIS D 275 9.69 12.25 37.01
CA HIS D 275 9.83 13.31 35.97
C HIS D 275 8.64 14.26 36.05
N GLY D 276 7.88 14.24 37.14
CA GLY D 276 6.82 15.24 37.42
C GLY D 276 5.53 14.99 36.67
N ARG D 277 5.40 13.84 35.98
CA ARG D 277 4.19 13.45 35.21
C ARG D 277 3.22 12.65 36.09
N THR D 278 1.93 12.98 36.03
CA THR D 278 0.86 12.42 36.89
C THR D 278 0.49 11.01 36.40
N ILE D 279 0.56 10.03 37.31
CA ILE D 279 0.07 8.64 37.10
C ILE D 279 -1.23 8.45 37.90
N TRP D 280 -2.31 8.02 37.23
CA TRP D 280 -3.61 7.61 37.81
C TRP D 280 -3.62 6.09 38.02
N PHE D 281 -4.28 5.64 39.11
CA PHE D 281 -4.31 4.23 39.55
C PHE D 281 -5.38 4.08 40.65
N GLN D 282 -5.69 2.82 40.98
CA GLN D 282 -6.61 2.39 42.07
C GLN D 282 -5.79 1.62 43.12
N GLY D 283 -6.06 1.87 44.40
CA GLY D 283 -5.40 1.14 45.49
C GLY D 283 -3.90 1.41 45.59
N ASP D 284 -3.11 0.35 45.67
CA ASP D 284 -1.72 0.35 46.21
C ASP D 284 -0.86 1.12 45.25
N PRO D 285 -0.18 2.18 45.71
CA PRO D 285 0.78 2.92 44.88
C PRO D 285 1.99 2.09 44.45
N GLY D 286 2.53 1.24 45.32
CA GLY D 286 3.69 0.39 44.99
C GLY D 286 4.98 0.81 45.72
N PRO D 287 5.99 -0.06 45.73
CA PRO D 287 7.18 0.16 46.57
C PRO D 287 7.99 1.44 46.26
N LEU D 288 8.11 1.88 45.00
CA LEU D 288 9.12 2.90 44.60
C LEU D 288 8.48 4.27 44.43
N ALA D 289 7.51 4.63 45.26
CA ALA D 289 6.87 5.96 45.26
C ALA D 289 7.88 6.97 45.77
N PRO D 290 7.85 8.24 45.30
CA PRO D 290 8.78 9.28 45.77
C PRO D 290 9.04 9.37 47.29
P QBT E 7 -1.17 14.63 30.27
O1P QBT E 7 -0.10 14.94 31.22
O2P QBT E 7 -1.84 13.29 30.47
O5' QBT E 7 -0.55 14.81 28.80
C5' QBT E 7 -1.44 14.77 27.68
C4' QBT E 7 -1.17 13.53 26.83
O4' QBT E 7 -2.33 13.34 26.03
C3' QBT E 7 0.01 13.65 25.92
O3' QBT E 7 0.42 12.33 25.68
C2' QBT E 7 -0.58 14.12 24.64
C1' QBT E 7 -1.91 13.35 24.67
N1 QBT E 7 -2.98 13.93 23.88
C2 QBT E 7 -3.89 13.09 23.33
O2 QBT E 7 -3.69 11.89 23.26
N3 QBT E 7 -5.01 13.62 22.86
C4 QBT E 7 -5.23 14.93 22.80
O4 QBT E 7 -6.26 15.30 22.32
C5 QBT E 7 -4.25 15.98 23.26
C6 QBT E 7 -2.95 15.38 23.84
C5M QBT E 7 -4.88 17.00 24.23
N GLY G 2 -1.84 6.71 -30.95
CA GLY G 2 -1.79 7.67 -29.83
C GLY G 2 -2.57 8.94 -30.10
N GLN G 3 -2.35 9.91 -29.22
CA GLN G 3 -2.99 11.23 -29.22
C GLN G 3 -1.86 12.21 -29.50
N GLY G 4 -2.14 13.51 -29.43
CA GLY G 4 -1.15 14.57 -29.67
C GLY G 4 0.21 14.22 -29.07
N PRO G 5 0.26 13.91 -27.76
CA PRO G 5 1.54 13.70 -27.10
C PRO G 5 2.35 12.56 -27.72
N GLU G 6 1.67 11.47 -28.03
CA GLU G 6 2.31 10.23 -28.56
C GLU G 6 2.88 10.54 -29.97
N LEU G 7 2.06 11.14 -30.83
CA LEU G 7 2.48 11.55 -32.20
C LEU G 7 3.69 12.49 -32.09
N HIS G 8 3.63 13.46 -31.18
CA HIS G 8 4.71 14.47 -31.05
C HIS G 8 5.99 13.77 -30.59
N LEU G 9 5.88 12.92 -29.55
CA LEU G 9 7.01 12.16 -28.95
C LEU G 9 7.64 11.24 -30.01
N ALA G 10 6.80 10.57 -30.81
CA ALA G 10 7.26 9.71 -31.91
C ALA G 10 8.09 10.55 -32.89
N SER G 11 7.64 11.76 -33.25
CA SER G 11 8.38 12.62 -34.22
C SER G 11 9.71 13.04 -33.60
N GLN G 12 9.74 13.35 -32.29
CA GLN G 12 11.00 13.65 -31.55
C GLN G 12 11.95 12.43 -31.63
N PHE G 13 11.39 11.23 -31.48
CA PHE G 13 12.15 9.93 -31.49
C PHE G 13 12.81 9.75 -32.87
N VAL G 14 12.00 9.77 -33.92
CA VAL G 14 12.50 9.64 -35.31
C VAL G 14 13.62 10.66 -35.55
N ASN G 15 13.47 11.91 -35.11
CA ASN G 15 14.46 12.98 -35.44
C ASN G 15 15.77 12.72 -34.72
N GLU G 16 15.74 12.36 -33.42
CA GLU G 16 16.96 12.09 -32.62
C GLU G 16 17.66 10.85 -33.18
N ALA G 17 16.92 9.75 -33.30
CA ALA G 17 17.43 8.42 -33.72
C ALA G 17 18.06 8.50 -35.13
N CYS G 18 17.46 9.24 -36.05
CA CYS G 18 17.79 9.22 -37.51
C CYS G 18 18.69 10.41 -37.86
N GLY G 24 19.47 3.94 -47.09
CA GLY G 24 19.45 3.77 -48.55
C GLY G 24 18.63 2.56 -48.96
N GLY G 25 18.26 2.47 -50.23
CA GLY G 25 17.46 1.36 -50.78
C GLY G 25 16.01 1.73 -50.89
N CYS G 26 15.11 0.75 -50.81
CA CYS G 26 13.64 0.90 -51.03
C CYS G 26 12.93 1.09 -49.71
N VAL G 27 11.64 1.42 -49.75
CA VAL G 27 10.78 1.44 -48.54
C VAL G 27 9.88 0.20 -48.59
N GLU G 28 10.17 -0.77 -47.73
CA GLU G 28 9.58 -2.14 -47.74
C GLU G 28 8.28 -2.15 -46.92
N LYS G 29 7.20 -2.69 -47.49
CA LYS G 29 5.88 -2.82 -46.82
C LYS G 29 5.61 -4.29 -46.52
N SER G 30 5.15 -4.63 -45.31
CA SER G 30 4.61 -5.99 -44.99
C SER G 30 3.52 -6.37 -46.02
N SER G 31 3.34 -7.65 -46.30
CA SER G 31 2.38 -8.08 -47.35
C SER G 31 0.94 -7.88 -46.83
N VAL G 32 0.71 -8.04 -45.53
CA VAL G 32 -0.66 -8.00 -44.93
C VAL G 32 -1.19 -6.55 -44.87
N SER G 33 -0.31 -5.53 -44.89
CA SER G 33 -0.68 -4.09 -44.85
C SER G 33 -1.46 -3.69 -46.09
N ARG G 34 -2.64 -3.08 -45.90
CA ARG G 34 -3.53 -2.56 -46.96
C ARG G 34 -3.17 -1.10 -47.31
N ASN G 35 -2.20 -0.50 -46.63
CA ASN G 35 -1.67 0.83 -47.00
C ASN G 35 -0.85 0.72 -48.29
N PRO G 36 -0.49 1.86 -48.95
CA PRO G 36 0.15 1.81 -50.26
C PRO G 36 1.67 1.56 -50.21
N GLU G 37 2.18 0.88 -51.23
CA GLU G 37 3.65 0.78 -51.48
C GLU G 37 4.17 2.20 -51.56
N VAL G 38 5.29 2.49 -50.89
CA VAL G 38 5.94 3.83 -50.93
C VAL G 38 6.95 3.81 -52.07
N PRO G 39 6.64 4.43 -53.24
CA PRO G 39 7.53 4.40 -54.40
C PRO G 39 8.66 5.40 -54.13
N PHE G 40 9.80 4.91 -53.63
CA PHE G 40 11.02 5.70 -53.37
C PHE G 40 12.24 4.77 -53.38
N TYR G 45 17.62 7.97 -47.80
CA TYR G 45 18.37 9.26 -47.69
C TYR G 45 18.54 9.61 -46.22
N ARG G 46 18.09 10.80 -45.80
CA ARG G 46 17.92 11.16 -44.37
C ARG G 46 16.43 11.11 -44.01
N ILE G 47 16.09 10.68 -42.78
CA ILE G 47 14.69 10.61 -42.26
C ILE G 47 14.53 11.65 -41.15
N SER G 48 13.53 12.51 -41.29
CA SER G 48 13.15 13.56 -40.31
C SER G 48 11.65 13.44 -40.00
N ALA G 49 11.23 14.03 -38.89
CA ALA G 49 9.84 14.00 -38.41
C ALA G 49 9.38 15.41 -38.08
N SER G 50 8.08 15.63 -38.17
CA SER G 50 7.33 16.72 -37.50
C SER G 50 5.96 16.14 -37.16
N ALA G 51 5.29 16.62 -36.11
CA ALA G 51 3.92 16.21 -35.75
C ALA G 51 2.99 17.42 -35.77
N ARG G 52 1.69 17.17 -35.99
CA ARG G 52 0.61 18.18 -35.84
C ARG G 52 -0.65 17.45 -35.41
N GLY G 53 -1.03 17.64 -34.14
CA GLY G 53 -2.24 17.03 -33.59
C GLY G 53 -2.07 15.53 -33.61
N LYS G 54 -2.98 14.83 -34.28
CA LYS G 54 -2.97 13.35 -34.28
C LYS G 54 -2.33 12.79 -35.57
N GLU G 55 -1.48 13.57 -36.25
CA GLU G 55 -0.81 13.16 -37.53
C GLU G 55 0.69 13.41 -37.43
N LEU G 56 1.51 12.59 -38.06
CA LEU G 56 2.99 12.71 -38.02
C LEU G 56 3.46 12.68 -39.47
N ARG G 57 4.34 13.60 -39.86
CA ARG G 57 4.79 13.76 -41.27
C ARG G 57 6.26 13.34 -41.31
N LEU G 58 6.59 12.34 -42.13
CA LEU G 58 7.98 11.85 -42.32
C LEU G 58 8.57 12.62 -43.51
N ILE G 59 9.78 13.18 -43.39
CA ILE G 59 10.49 13.77 -44.56
C ILE G 59 11.61 12.81 -44.95
N LEU G 60 11.44 12.12 -46.09
CA LEU G 60 12.42 11.18 -46.68
C LEU G 60 13.29 12.00 -47.64
N SER G 61 14.26 12.73 -47.09
CA SER G 61 15.15 13.68 -47.83
C SER G 61 16.18 12.92 -48.67
N PRO G 62 15.97 12.80 -50.02
CA PRO G 62 16.70 11.83 -50.86
C PRO G 62 18.22 12.06 -50.86
N VAL G 76 2.83 11.31 -44.40
CA VAL G 76 1.73 11.49 -43.49
C VAL G 76 1.25 10.17 -42.92
N PHE G 77 1.30 10.05 -41.61
CA PHE G 77 0.86 8.84 -40.88
C PHE G 77 -0.19 9.26 -39.84
N ARG G 78 -1.26 8.45 -39.73
CA ARG G 78 -2.18 8.40 -38.58
C ARG G 78 -1.94 7.06 -37.85
N PHE G 79 -1.84 7.08 -36.54
CA PHE G 79 -1.40 5.90 -35.74
C PHE G 79 -2.59 5.01 -35.41
N GLY G 80 -3.83 5.47 -35.57
CA GLY G 80 -4.98 4.72 -35.03
C GLY G 80 -4.75 4.33 -33.57
N MET G 81 -5.14 3.12 -33.17
CA MET G 81 -5.11 2.69 -31.75
C MET G 81 -3.71 2.30 -31.30
N SER G 82 -2.80 1.88 -32.20
CA SER G 82 -1.55 1.16 -31.81
C SER G 82 -0.34 1.51 -32.69
N GLY G 83 -0.40 2.56 -33.49
CA GLY G 83 0.75 2.98 -34.30
C GLY G 83 1.94 3.42 -33.44
N SER G 84 3.16 3.25 -33.94
CA SER G 84 4.42 3.68 -33.31
C SER G 84 5.57 3.56 -34.31
N PHE G 85 6.75 4.04 -33.94
CA PHE G 85 8.02 3.91 -34.72
C PHE G 85 9.07 3.24 -33.82
N GLN G 86 9.93 2.41 -34.39
CA GLN G 86 11.02 1.71 -33.66
C GLN G 86 12.27 1.68 -34.55
N LEU G 87 13.46 1.77 -33.95
CA LEU G 87 14.77 1.49 -34.61
C LEU G 87 15.25 0.14 -34.10
N VAL G 88 15.22 -0.89 -34.94
CA VAL G 88 15.61 -2.29 -34.59
C VAL G 88 16.78 -2.75 -35.46
N PRO G 89 17.51 -3.81 -35.05
CA PRO G 89 18.45 -4.46 -35.96
C PRO G 89 17.73 -4.97 -37.21
N ARG G 90 18.38 -4.86 -38.37
CA ARG G 90 17.89 -5.27 -39.73
C ARG G 90 17.21 -6.66 -39.71
N GLU G 91 17.71 -7.60 -38.90
CA GLU G 91 17.24 -9.01 -38.87
C GLU G 91 16.45 -9.32 -37.59
N GLU G 92 15.92 -8.31 -36.89
CA GLU G 92 15.12 -8.50 -35.65
C GLU G 92 13.88 -7.59 -35.70
N LEU G 93 13.20 -7.58 -36.84
CA LEU G 93 11.94 -6.80 -37.08
C LEU G 93 10.89 -7.27 -36.09
N PRO G 94 10.21 -6.35 -35.36
CA PRO G 94 9.11 -6.75 -34.50
C PRO G 94 7.95 -7.32 -35.33
N ARG G 95 7.07 -8.05 -34.65
CA ARG G 95 5.76 -8.45 -35.20
C ARG G 95 5.02 -7.14 -35.50
N HIS G 96 4.42 -7.06 -36.68
CA HIS G 96 3.56 -5.92 -37.09
C HIS G 96 4.39 -4.71 -37.50
N ALA G 97 5.67 -4.88 -37.82
CA ALA G 97 6.44 -3.86 -38.57
C ALA G 97 5.87 -3.83 -39.99
N HIS G 98 4.97 -2.88 -40.28
CA HIS G 98 4.23 -2.83 -41.58
C HIS G 98 4.98 -1.99 -42.62
N LEU G 99 5.94 -1.17 -42.19
CA LEU G 99 6.75 -0.36 -43.12
C LEU G 99 8.15 -0.18 -42.52
N ARG G 100 9.18 -0.36 -43.35
CA ARG G 100 10.61 -0.44 -42.94
C ARG G 100 11.47 0.42 -43.87
N PHE G 101 12.43 1.15 -43.28
CA PHE G 101 13.49 1.94 -43.95
C PHE G 101 14.83 1.37 -43.47
N TYR G 102 15.76 1.02 -44.37
CA TYR G 102 17.03 0.32 -44.00
C TYR G 102 18.24 1.27 -44.02
N THR G 103 19.00 1.28 -42.93
CA THR G 103 20.31 1.97 -42.80
C THR G 103 21.18 1.55 -43.99
N ALA G 104 21.94 2.49 -44.56
CA ALA G 104 22.83 2.29 -45.70
C ALA G 104 24.05 1.49 -45.26
N PRO G 105 24.78 0.86 -46.22
CA PRO G 105 26.02 0.14 -45.94
C PRO G 105 27.09 1.00 -45.25
N PRO G 106 28.15 0.34 -44.73
CA PRO G 106 28.20 0.00 -43.31
C PRO G 106 27.51 1.00 -42.36
N ALA G 111 17.02 -0.91 -38.99
CA ALA G 111 15.71 -0.68 -39.65
C ALA G 111 14.82 0.25 -38.81
N LEU G 112 14.38 1.35 -39.40
CA LEU G 112 13.29 2.18 -38.84
C LEU G 112 11.96 1.55 -39.25
N CYS G 113 11.12 1.18 -38.30
CA CYS G 113 9.85 0.45 -38.58
C CYS G 113 8.65 1.25 -38.05
N PHE G 114 7.64 1.45 -38.90
CA PHE G 114 6.27 1.81 -38.47
C PHE G 114 5.61 0.52 -37.95
N VAL G 115 5.34 0.43 -36.65
CA VAL G 115 4.77 -0.78 -36.00
C VAL G 115 3.34 -0.44 -35.58
N ASP G 116 2.37 -1.23 -36.03
CA ASP G 116 0.92 -0.99 -35.81
C ASP G 116 0.23 -2.35 -35.62
N ILE G 117 0.22 -2.85 -34.39
CA ILE G 117 -0.39 -4.15 -33.98
C ILE G 117 -1.75 -4.28 -34.68
N ARG G 118 -2.67 -3.33 -34.48
CA ARG G 118 -4.09 -3.53 -34.83
C ARG G 118 -4.37 -3.06 -36.27
N ARG G 119 -3.45 -2.30 -36.87
CA ARG G 119 -3.53 -1.91 -38.31
C ARG G 119 -4.67 -0.91 -38.54
N PHE G 120 -5.08 -0.14 -37.53
CA PHE G 120 -6.03 0.98 -37.73
C PHE G 120 -5.25 2.20 -38.25
N GLY G 121 -3.94 2.26 -38.00
CA GLY G 121 -3.06 3.29 -38.58
C GLY G 121 -3.09 3.24 -40.09
N ARG G 122 -2.88 4.39 -40.72
CA ARG G 122 -2.79 4.53 -42.20
C ARG G 122 -1.59 5.43 -42.55
N TRP G 123 -1.13 5.39 -43.79
CA TRP G 123 -0.10 6.30 -44.25
C TRP G 123 -0.47 6.65 -45.68
N ASP G 124 -0.32 7.92 -46.02
CA ASP G 124 -0.72 8.41 -47.33
C ASP G 124 0.44 9.02 -48.10
N LEU G 125 0.31 9.02 -49.42
CA LEU G 125 1.32 9.59 -50.30
C LEU G 125 1.08 11.09 -50.38
N GLY G 126 2.13 11.87 -50.18
CA GLY G 126 2.03 13.31 -50.18
C GLY G 126 2.31 13.83 -48.79
N GLY G 127 2.32 15.13 -48.61
CA GLY G 127 2.61 15.63 -47.25
C GLY G 127 1.48 16.42 -46.62
N LYS G 128 0.28 16.43 -47.23
CA LYS G 128 -0.88 17.25 -46.80
C LYS G 128 -1.36 16.85 -45.40
N TRP G 129 -1.56 17.80 -44.48
CA TRP G 129 -2.40 17.55 -43.27
C TRP G 129 -3.84 17.32 -43.71
N GLN G 130 -4.58 16.57 -42.91
CA GLN G 130 -5.95 16.19 -43.26
C GLN G 130 -6.77 17.47 -43.29
N PRO G 131 -7.35 17.84 -44.45
CA PRO G 131 -8.22 19.01 -44.51
C PRO G 131 -9.31 18.76 -43.46
N GLY G 132 -9.66 19.80 -42.71
CA GLY G 132 -10.77 19.71 -41.75
C GLY G 132 -10.26 19.58 -40.32
N ARG G 133 -9.10 18.94 -40.11
CA ARG G 133 -8.49 18.90 -38.75
C ARG G 133 -8.11 20.34 -38.37
N GLY G 134 -8.54 20.76 -37.18
CA GLY G 134 -8.16 22.06 -36.59
C GLY G 134 -6.67 22.12 -36.30
N PRO G 135 -6.20 23.23 -35.70
CA PRO G 135 -4.78 23.39 -35.37
C PRO G 135 -4.39 22.54 -34.14
N CYS G 136 -3.10 22.21 -34.06
CA CYS G 136 -2.51 21.32 -33.04
C CYS G 136 -2.63 22.01 -31.68
N VAL G 137 -3.25 21.35 -30.71
CA VAL G 137 -3.43 21.92 -29.35
C VAL G 137 -2.05 22.13 -28.72
N LEU G 138 -1.04 21.38 -29.17
CA LEU G 138 0.33 21.49 -28.61
C LEU G 138 1.08 22.64 -29.29
N GLN G 139 1.19 22.63 -30.61
CA GLN G 139 2.16 23.51 -31.31
C GLN G 139 1.45 24.71 -31.92
N GLU G 140 0.11 24.75 -31.97
CA GLU G 140 -0.64 25.90 -32.54
C GLU G 140 -1.68 26.37 -31.51
N TYR G 141 -1.30 26.48 -30.23
CA TYR G 141 -2.26 26.81 -29.13
C TYR G 141 -3.14 28.00 -29.50
N GLN G 142 -2.54 29.14 -29.84
CA GLN G 142 -3.32 30.38 -30.01
C GLN G 142 -4.29 30.18 -31.18
N GLN G 143 -3.83 29.60 -32.29
CA GLN G 143 -4.69 29.35 -33.47
C GLN G 143 -5.82 28.40 -33.05
N PHE G 144 -5.49 27.32 -32.34
CA PHE G 144 -6.47 26.32 -31.84
C PHE G 144 -7.53 27.00 -30.97
N ARG G 145 -7.10 27.86 -30.05
CA ARG G 145 -8.00 28.50 -29.04
C ARG G 145 -9.00 29.39 -29.79
N GLU G 146 -8.51 30.22 -30.70
CA GLU G 146 -9.32 31.18 -31.48
C GLU G 146 -10.31 30.38 -32.33
N ASN G 147 -9.85 29.30 -32.97
CA ASN G 147 -10.68 28.38 -33.81
C ASN G 147 -11.92 27.92 -33.03
N VAL G 148 -11.81 27.68 -31.72
CA VAL G 148 -12.99 27.31 -30.87
C VAL G 148 -13.85 28.56 -30.61
N LEU G 149 -13.26 29.58 -29.99
CA LEU G 149 -14.00 30.77 -29.45
C LEU G 149 -14.73 31.50 -30.59
N ARG G 150 -14.20 31.45 -31.81
CA ARG G 150 -14.74 32.15 -33.00
C ARG G 150 -15.96 31.40 -33.57
N ASN G 151 -16.14 30.10 -33.30
CA ASN G 151 -17.15 29.25 -34.01
C ASN G 151 -18.06 28.47 -33.05
N LEU G 152 -18.48 29.08 -31.94
CA LEU G 152 -19.33 28.42 -30.91
C LEU G 152 -20.71 28.01 -31.47
N ALA G 153 -21.17 28.68 -32.54
CA ALA G 153 -22.52 28.50 -33.12
C ALA G 153 -22.60 27.14 -33.82
N ASP G 154 -21.47 26.65 -34.33
CA ASP G 154 -21.32 25.34 -35.02
C ASP G 154 -22.06 24.25 -34.23
N LYS G 155 -22.69 23.31 -34.95
CA LYS G 155 -23.53 22.23 -34.37
C LYS G 155 -22.65 21.30 -33.53
N ALA G 156 -21.33 21.32 -33.74
CA ALA G 156 -20.35 20.52 -32.97
C ALA G 156 -20.59 20.71 -31.45
N PHE G 157 -20.92 21.94 -31.02
CA PHE G 157 -21.01 22.31 -29.59
C PHE G 157 -22.41 21.99 -29.03
N ASP G 158 -23.33 21.52 -29.88
CA ASP G 158 -24.64 20.95 -29.46
C ASP G 158 -24.39 19.66 -28.65
N ARG G 159 -23.32 18.93 -28.96
CA ARG G 159 -23.04 17.60 -28.34
C ARG G 159 -22.60 17.79 -26.89
N PRO G 160 -22.63 16.73 -26.05
CA PRO G 160 -22.01 16.78 -24.72
C PRO G 160 -20.54 17.20 -24.83
N ILE G 161 -20.00 17.79 -23.76
CA ILE G 161 -18.61 18.33 -23.78
C ILE G 161 -17.64 17.16 -23.97
N CYS G 162 -17.87 16.02 -23.33
CA CYS G 162 -16.92 14.87 -23.40
C CYS G 162 -16.85 14.36 -24.84
N GLU G 163 -17.94 14.44 -25.61
CA GLU G 163 -17.97 14.08 -27.06
C GLU G 163 -17.26 15.18 -27.87
N ALA G 164 -17.60 16.43 -27.64
CA ALA G 164 -17.05 17.59 -28.36
C ALA G 164 -15.52 17.58 -28.26
N LEU G 165 -14.96 17.18 -27.11
CA LEU G 165 -13.49 17.19 -26.87
C LEU G 165 -12.76 16.25 -27.85
N LEU G 166 -13.45 15.27 -28.45
CA LEU G 166 -12.87 14.29 -29.42
C LEU G 166 -13.02 14.77 -30.88
N ASP G 167 -13.82 15.82 -31.15
CA ASP G 167 -14.06 16.35 -32.52
C ASP G 167 -12.77 17.00 -33.08
N GLN G 168 -12.09 16.36 -34.02
CA GLN G 168 -10.70 16.73 -34.40
C GLN G 168 -10.71 17.99 -35.27
N ARG G 169 -11.87 18.50 -35.67
CA ARG G 169 -11.97 19.81 -36.38
C ARG G 169 -11.62 20.97 -35.43
N PHE G 170 -11.78 20.75 -34.13
CA PHE G 170 -11.59 21.79 -33.08
C PHE G 170 -10.56 21.39 -32.03
N PHE G 171 -10.36 20.10 -31.79
CA PHE G 171 -9.44 19.59 -30.75
C PHE G 171 -8.44 18.60 -31.36
N ASN G 172 -7.80 18.98 -32.46
CA ASN G 172 -6.79 18.13 -33.17
C ASN G 172 -5.73 17.73 -32.15
N GLY G 173 -5.70 16.45 -31.78
CA GLY G 173 -4.73 15.95 -30.78
C GLY G 173 -5.37 15.42 -29.52
N ILE G 174 -6.59 15.86 -29.16
CA ILE G 174 -7.28 15.44 -27.91
C ILE G 174 -7.94 14.07 -28.16
N GLY G 175 -7.59 13.09 -27.32
CA GLY G 175 -8.22 11.76 -27.31
C GLY G 175 -8.74 11.37 -25.95
N ASN G 176 -9.11 10.10 -25.82
CA ASN G 176 -9.99 9.60 -24.73
C ASN G 176 -9.39 9.94 -23.36
N TYR G 177 -8.15 9.53 -23.10
CA TYR G 177 -7.53 9.77 -21.78
C TYR G 177 -7.44 11.29 -21.58
N LEU G 178 -7.07 12.07 -22.60
CA LEU G 178 -6.91 13.53 -22.41
C LEU G 178 -8.26 14.19 -22.03
N ARG G 179 -9.39 13.78 -22.64
CA ARG G 179 -10.71 14.40 -22.32
C ARG G 179 -11.04 14.12 -20.86
N ALA G 180 -10.80 12.91 -20.39
CA ALA G 180 -11.04 12.54 -18.98
C ALA G 180 -10.19 13.42 -18.05
N GLU G 181 -8.87 13.47 -18.32
CA GLU G 181 -7.90 14.16 -17.44
C GLU G 181 -8.26 15.65 -17.35
N ILE G 182 -8.70 16.21 -18.48
CA ILE G 182 -8.95 17.68 -18.61
C ILE G 182 -10.22 18.04 -17.82
N LEU G 183 -11.31 17.31 -18.04
CA LEU G 183 -12.60 17.58 -17.33
C LEU G 183 -12.46 17.34 -15.80
N TYR G 184 -11.71 16.32 -15.36
CA TYR G 184 -11.50 16.04 -13.91
C TYR G 184 -10.81 17.22 -13.22
N ARG G 185 -9.84 17.88 -13.89
CA ARG G 185 -9.08 18.99 -13.26
C ARG G 185 -10.00 20.20 -12.99
N LEU G 186 -11.02 20.42 -13.81
CA LEU G 186 -12.00 21.52 -13.63
C LEU G 186 -13.31 20.97 -13.08
N LYS G 187 -13.38 19.67 -12.79
CA LYS G 187 -14.63 19.03 -12.30
C LYS G 187 -15.82 19.57 -13.13
N ILE G 188 -15.70 19.58 -14.46
CA ILE G 188 -16.86 19.80 -15.38
C ILE G 188 -17.51 18.45 -15.64
N PRO G 189 -18.82 18.26 -15.35
CA PRO G 189 -19.52 17.02 -15.74
C PRO G 189 -19.37 16.74 -17.23
N PRO G 190 -19.07 15.47 -17.59
CA PRO G 190 -18.81 15.10 -18.99
C PRO G 190 -20.03 15.22 -19.92
N PHE G 191 -21.23 15.18 -19.38
CA PHE G 191 -22.47 15.28 -20.19
C PHE G 191 -23.17 16.62 -19.92
N GLU G 192 -22.43 17.60 -19.42
CA GLU G 192 -22.81 19.02 -19.60
C GLU G 192 -22.74 19.29 -21.10
N LYS G 193 -23.55 20.20 -21.64
CA LYS G 193 -23.54 20.59 -23.08
C LYS G 193 -22.30 21.45 -23.35
N ALA G 194 -21.54 21.16 -24.41
CA ALA G 194 -20.27 21.84 -24.72
C ALA G 194 -20.50 23.37 -24.77
N ARG G 195 -21.53 23.83 -25.48
CA ARG G 195 -21.85 25.28 -25.63
C ARG G 195 -21.99 25.93 -24.24
N SER G 196 -22.73 25.29 -23.33
CA SER G 196 -23.00 25.82 -21.96
C SER G 196 -21.67 26.02 -21.20
N VAL G 197 -20.72 25.11 -21.34
CA VAL G 197 -19.48 25.09 -20.52
C VAL G 197 -18.50 26.11 -21.10
N LEU G 198 -18.55 26.31 -22.42
CA LEU G 198 -17.58 27.11 -23.18
C LEU G 198 -18.06 28.56 -23.30
N GLU G 199 -19.37 28.80 -23.46
CA GLU G 199 -19.97 30.17 -23.52
C GLU G 199 -19.57 30.95 -22.26
N ALA G 200 -19.57 30.27 -21.11
CA ALA G 200 -19.20 30.82 -19.79
C ALA G 200 -17.70 31.13 -19.70
N LEU G 201 -17.11 31.81 -20.71
CA LEU G 201 -15.77 32.46 -20.64
C LEU G 201 -15.45 33.17 -21.97
N PRO G 223 -6.83 29.02 -14.79
CA PRO G 223 -6.63 28.33 -16.08
C PRO G 223 -7.93 27.66 -16.52
N ASP G 224 -8.47 28.02 -17.69
CA ASP G 224 -9.79 27.54 -18.17
C ASP G 224 -9.62 26.24 -19.01
N LEU G 225 -10.74 25.71 -19.49
CA LEU G 225 -10.81 24.43 -20.24
C LEU G 225 -9.96 24.46 -21.52
N LEU G 226 -10.02 25.53 -22.30
CA LEU G 226 -9.23 25.59 -23.55
C LEU G 226 -7.74 25.64 -23.23
N GLU G 227 -7.35 26.28 -22.12
CA GLU G 227 -5.90 26.35 -21.79
C GLU G 227 -5.40 24.95 -21.40
N LEU G 228 -6.21 24.20 -20.65
CA LEU G 228 -5.88 22.81 -20.26
C LEU G 228 -5.80 21.91 -21.51
N CYS G 229 -6.54 22.22 -22.58
CA CYS G 229 -6.45 21.43 -23.84
C CYS G 229 -5.02 21.50 -24.39
N HIS G 230 -4.26 22.53 -24.02
CA HIS G 230 -2.83 22.68 -24.39
C HIS G 230 -1.96 22.17 -23.26
N SER G 231 -2.13 22.70 -22.05
CA SER G 231 -1.19 22.47 -20.92
C SER G 231 -1.18 20.99 -20.49
N VAL G 232 -2.33 20.31 -20.54
CA VAL G 232 -2.42 18.89 -20.08
C VAL G 232 -1.63 17.99 -21.03
N PRO G 233 -1.89 18.00 -22.36
CA PRO G 233 -1.05 17.26 -23.29
C PRO G 233 0.43 17.65 -23.17
N LYS G 234 0.74 18.93 -22.97
CA LYS G 234 2.16 19.34 -22.88
C LYS G 234 2.78 18.59 -21.70
N GLU G 235 2.02 18.34 -20.65
CA GLU G 235 2.54 17.59 -19.48
C GLU G 235 2.95 16.19 -19.92
N VAL G 236 2.12 15.55 -20.74
CA VAL G 236 2.39 14.16 -21.22
C VAL G 236 3.70 14.19 -22.02
N VAL G 237 3.92 15.20 -22.85
CA VAL G 237 5.16 15.35 -23.67
C VAL G 237 6.37 15.39 -22.74
N GLN G 238 6.26 16.10 -21.62
CA GLN G 238 7.33 16.27 -20.60
C GLN G 238 7.73 14.91 -20.02
N LEU G 239 6.79 13.99 -19.85
CA LEU G 239 7.15 12.57 -19.55
C LEU G 239 7.98 12.05 -20.74
N GLU G 250 7.77 -1.10 -20.99
CA GLU G 250 7.70 -1.53 -19.56
C GLU G 250 7.70 -0.31 -18.64
N GLU G 251 8.89 0.19 -18.29
CA GLU G 251 9.14 1.24 -17.28
C GLU G 251 8.63 2.61 -17.79
N ASP G 252 8.82 2.91 -19.08
CA ASP G 252 8.30 4.14 -19.74
C ASP G 252 6.77 4.21 -19.54
N PHE G 253 6.09 3.06 -19.61
CA PHE G 253 4.62 2.93 -19.40
C PHE G 253 4.25 3.26 -17.95
N ALA G 254 5.08 2.83 -16.98
CA ALA G 254 4.81 2.90 -15.52
C ALA G 254 4.58 4.35 -15.07
N ALA G 255 5.43 5.26 -15.55
CA ALA G 255 5.38 6.70 -15.19
C ALA G 255 4.03 7.29 -15.62
N PHE G 256 3.57 6.99 -16.83
CA PHE G 256 2.32 7.58 -17.39
C PHE G 256 1.14 7.23 -16.46
N ARG G 257 1.13 6.01 -15.93
CA ARG G 257 0.01 5.51 -15.08
C ARG G 257 -0.07 6.33 -13.79
N ALA G 258 1.08 6.66 -13.20
CA ALA G 258 1.21 7.52 -11.99
C ALA G 258 0.77 8.96 -12.28
N TRP G 259 1.04 9.48 -13.49
CA TRP G 259 0.64 10.85 -13.92
C TRP G 259 -0.90 10.98 -13.95
N LEU G 260 -1.59 9.95 -14.42
CA LEU G 260 -3.06 9.96 -14.57
C LEU G 260 -3.73 10.22 -13.22
N ARG G 261 -4.74 11.08 -13.22
CA ARG G 261 -5.59 11.40 -12.04
C ARG G 261 -6.98 10.78 -12.18
N CYS G 262 -7.50 10.61 -13.39
CA CYS G 262 -8.92 10.21 -13.62
C CYS G 262 -9.03 8.91 -14.44
N TYR G 263 -8.48 8.91 -15.65
CA TYR G 263 -8.65 7.81 -16.63
C TYR G 263 -8.21 6.48 -16.01
N GLY G 264 -9.18 5.57 -15.79
CA GLY G 264 -8.94 4.20 -15.33
C GLY G 264 -8.57 4.12 -13.86
N MET G 265 -8.80 5.19 -13.11
CA MET G 265 -8.35 5.26 -11.69
C MET G 265 -9.40 4.66 -10.77
N PRO G 266 -8.99 3.86 -9.77
CA PRO G 266 -9.94 3.32 -8.81
C PRO G 266 -10.76 4.47 -8.21
N GLY G 267 -12.06 4.24 -7.98
CA GLY G 267 -12.97 5.19 -7.31
C GLY G 267 -13.56 6.21 -8.27
N MET G 268 -13.26 6.12 -9.57
CA MET G 268 -13.84 7.01 -10.59
C MET G 268 -15.00 6.29 -11.28
N SER G 269 -16.03 7.04 -11.68
CA SER G 269 -17.16 6.53 -12.50
C SER G 269 -16.68 6.43 -13.95
N SER G 270 -17.46 5.73 -14.78
CA SER G 270 -17.26 5.64 -16.25
C SER G 270 -18.62 5.41 -16.91
N LEU G 271 -18.86 6.06 -18.05
CA LEU G 271 -20.03 5.81 -18.93
C LEU G 271 -19.55 5.67 -20.39
N GLN G 272 -20.43 5.14 -21.25
CA GLN G 272 -20.24 5.16 -22.73
C GLN G 272 -20.90 6.43 -23.25
N ASP G 273 -20.19 7.21 -24.06
CA ASP G 273 -20.73 8.36 -24.83
C ASP G 273 -21.54 7.79 -25.99
N ARG G 274 -22.12 8.65 -26.83
CA ARG G 274 -23.11 8.21 -27.85
C ARG G 274 -22.37 7.44 -28.97
N HIS G 275 -21.04 7.52 -29.05
CA HIS G 275 -20.23 6.77 -30.04
C HIS G 275 -19.58 5.54 -29.39
N GLY G 276 -20.04 5.14 -28.21
CA GLY G 276 -19.64 3.86 -27.57
C GLY G 276 -18.31 3.95 -26.84
N ARG G 277 -17.69 5.13 -26.76
CA ARG G 277 -16.36 5.36 -26.14
C ARG G 277 -16.51 5.71 -24.66
N THR G 278 -15.70 5.10 -23.81
CA THR G 278 -15.74 5.22 -22.32
C THR G 278 -15.17 6.57 -21.90
N ILE G 279 -15.95 7.35 -21.14
CA ILE G 279 -15.50 8.61 -20.47
C ILE G 279 -15.35 8.32 -18.96
N TRP G 280 -14.18 8.62 -18.39
CA TRP G 280 -13.91 8.60 -16.93
C TRP G 280 -14.14 10.00 -16.32
N PHE G 281 -14.64 10.04 -15.09
CA PHE G 281 -15.03 11.30 -14.39
C PHE G 281 -15.30 11.01 -12.90
N GLN G 282 -15.42 12.08 -12.10
CA GLN G 282 -15.77 12.05 -10.66
C GLN G 282 -17.10 12.77 -10.47
N GLY G 283 -17.95 12.26 -9.59
CA GLY G 283 -19.25 12.88 -9.25
C GLY G 283 -20.21 12.90 -10.42
N ASP G 284 -20.80 14.08 -10.67
CA ASP G 284 -22.06 14.26 -11.44
C ASP G 284 -21.76 13.92 -12.90
N PRO G 285 -22.51 12.97 -13.48
CA PRO G 285 -22.41 12.65 -14.91
C PRO G 285 -22.76 13.84 -15.82
N GLY G 286 -23.81 14.59 -15.51
CA GLY G 286 -24.27 15.73 -16.33
C GLY G 286 -25.61 15.46 -17.02
N PRO G 287 -26.28 16.50 -17.56
CA PRO G 287 -27.63 16.33 -18.12
C PRO G 287 -27.77 15.31 -19.27
N LEU G 288 -26.81 15.22 -20.19
CA LEU G 288 -27.05 14.61 -21.52
C LEU G 288 -26.49 13.19 -21.63
N ALA G 289 -26.67 12.35 -20.61
CA ALA G 289 -26.05 11.00 -20.50
C ALA G 289 -26.49 10.05 -21.62
P QBT H 7 -9.19 3.90 -25.27
O1P QBT H 7 -9.12 5.00 -24.23
O2P QBT H 7 -10.55 3.55 -25.82
O5' QBT H 7 -8.30 4.26 -26.54
C5' QBT H 7 -6.90 4.34 -26.40
C4' QBT H 7 -6.39 5.74 -26.69
O4' QBT H 7 -5.03 5.81 -26.26
C3' QBT H 7 -6.35 6.07 -28.17
O3' QBT H 7 -6.40 7.48 -28.26
C2' QBT H 7 -4.97 5.66 -28.63
C1' QBT H 7 -4.19 6.06 -27.39
N1 QBT H 7 -2.94 5.35 -27.19
C2 QBT H 7 -1.90 6.00 -26.66
O2 QBT H 7 -1.89 7.21 -26.52
N3 QBT H 7 -0.84 5.31 -26.30
C4 QBT H 7 -0.77 3.98 -26.38
O4 QBT H 7 0.23 3.44 -26.00
C5 QBT H 7 -1.85 3.11 -26.99
C6 QBT H 7 -3.00 3.94 -27.57
C5M QBT H 7 -2.30 1.98 -26.03
C1 GOL J . 17.50 -30.00 21.30
O1 GOL J . 18.00 -31.33 21.09
C2 GOL J . 18.63 -29.01 21.51
O2 GOL J . 18.64 -28.05 20.44
C3 GOL J . 18.57 -28.28 22.84
O3 GOL J . 17.90 -27.03 22.74
#